data_8K4S
#
_entry.id   8K4S
#
loop_
_entity.id
_entity.type
_entity.pdbx_description
1 polymer 'Soluble cytochrome b562,Mas-related G-protein coupled receptor member X4,Green fluorescent protein'
2 polymer 'Gs-mini-Gq chimera'
3 polymer 'Guanine nucleotide-binding protein G(I)/G(S)/G(T) subunit beta-1'
4 polymer 'Guanine nucleotide-binding protein G(I)/G(S)/G(O) subunit gamma-2'
5 polymer scFv16
6 non-polymer '(4~{R})-4-[(3~{R},5~{R},8~{R},9~{S},10~{S},12~{S},13~{R},14~{S},17~{R})-10,13-dimethyl-12-oxidanyl-3-phosphonooxy-2,3,4,5,6,7,8,9,11,12,14,15,16,17-tetradecahydro-1~{H}-cyclopenta[a]phenanthren-17-yl]pentanoic acid'
#
loop_
_entity_poly.entity_id
_entity_poly.type
_entity_poly.pdbx_seq_one_letter_code
_entity_poly.pdbx_strand_id
1 'polypeptide(L)'
;DYKDDDDKEFADLEDNWETLNDNLKVIEKADNAAQVKDALTKMRAAALDAQKATPPKLEDKSPDSPEMKDFRHGFDILVG
QIDDALKLANEGKVKEAQAAAEQLKTTRNAYIQKYLMDPTVPVFGTKLTPINGREETPCYNQTLSFTVLTCIISLVGLTG
NAVVLWLLGYRMRRNAVSIYILNLAAADFLFLSFQIIRLPLRLINISHLIRKILVSVMTFPYFTGLSMLSAISTERCLSV
LWPIWYRCRRPTHLSAVVCVLLWGLSLLFSMLEWRFCDFLFSGADSSWCETSDFIPVAWLIFLCVVLCVSSLVLLVRILC
GSRKMPLTRLYVTILLTVLVFLLCGLPFGILGALIYRMHLNLEVLYCHVYLVCMSLSSLNSSANPIIYFFVGSFRQRQNR
QNLKLVLQRALQDKPEVDKGEGQLPEESLELSGSRLGPLELEVLFQGPSKGEELFTGVVPILVELDGDVNGHKFSVRGEG
EGDATNGKLTLKFICTTGKLPVPWPTLVTTLTYGVQCFSRYPDHMKRHDFFKSAMPEGYVQERTISFKDDGTYKTRAEVK
FEGDTLVNRIELKGIDFKEDGNILGHKLEYNFNSHNVYITADKQKNGIKANFKIRHNVEDGSVQLADHYQQNTPIGDGPV
LLPDNHYLSTQSVLSKDPNEKRDHMVLLEFVTAAGITHGMDEWSHPQFEKGGGSGGGSGGSAWSHPQFEK
;
E
2 'polypeptide(L)'
;MGSTVSAEDKAAAERSKMIDKNLREDGEKARRTLRLLLLGADNSGKSTIVKQMRILHGGSGGSGGTSGIFETKFQVDKVN
FHMFDVGGQRDERRKWIQCFNDVTAIIFVVDSSDYNRLQEALNDFKSIWNNRWLRTISVILFLNKQDLLAEKVLAGKSKI
EDYFPEFARYTTPEDATPEPGEDPRVTRAKYFIRKEFVDISTASGDGRHICYPHFTCAVDTENARRIFNDCKDIILQMNL
REYNLV
;
A
3 'polypeptide(L)'
;GSELDQLRQEAEQLKNQIRDARKACADATLSQITNNIDPVGRIQMRTRRTLRGHLAKIYAMHWGTDSRLLVSASQDGKLI
IWDSYTTNKVHAIPLRSSWVMTCAYAPSGNYVACGGLDNICSIYNLKTREGNVRVSRELAGHTGYLSCCRFLDDNQIVTS
SGDTTCALWDIETGQQTTTFTGHTGDVMSLSLAPDTRLFVSGACDASAKLWDVREGMCRQTFTGHESDINAICFFPNGNA
FATGSDDATCRLFDLRADQELMTYSHDNIICGITSVSFSKSGRLLLAGYDDFNCNVWDALKADRAGVLAGHDNRVSCLGV
TDDGMAVATGSWDSFLKIWN
;
B
4 'polypeptide(L)' MASNNTASIAQARKLVEQLKMEANIDRIKVSKAAADLMAYCEAHAKEDPLLTPVPASENPFREKKFFCAILGSAGSAGSA C
5 'polypeptide(L)'
;GSMDVQLVESGGGLVQPGGSRKLSCSASGFAFSSFGMHWVRQAPEKGLEWVAYISSGSGTIYYADTVKGRFTISRDDPKN
TLFLQMTSLRSEDTAMYYCVRSIYYYGSSPFDFWGQGTTLTVSSGGGGSGGGGSGGGGSDIVMTQATSSVPVTPGESVSI
SCRSSKSLLHSNGNTYLYWFLQRPGQSPQLLIYRMSNLASGVPDRFSGSGSGTAFTLTISRLEAEDVGVYYCMQHLEYPL
TFGAGTKLELKAAA
;
D
#
loop_
_chem_comp.id
_chem_comp.type
_chem_comp.name
_chem_comp.formula
JW0 non-polymer '(4~{R})-4-[(3~{R},5~{R},8~{R},9~{S},10~{S},12~{S},13~{R},14~{S},17~{R})-10,13-dimethyl-12-oxidanyl-3-phosphonooxy-2,3,4,5,6,7,8,9,11,12,14,15,16,17-tetradecahydro-1~{H}-cyclopenta[a]phenanthren-17-yl]pentanoic acid' 'C24 H41 O7 P'
#
# COMPACT_ATOMS: atom_id res chain seq x y z
N PRO A 138 14.18 -54.38 -14.10
CA PRO A 138 13.63 -55.67 -13.69
C PRO A 138 14.69 -56.77 -13.68
N CYS A 139 15.28 -57.04 -12.52
CA CYS A 139 16.31 -58.07 -12.41
C CYS A 139 15.74 -59.44 -12.76
N TYR A 140 14.64 -59.85 -12.11
CA TYR A 140 13.91 -60.95 -12.72
C TYR A 140 12.43 -60.69 -12.88
N ASN A 141 11.77 -60.14 -11.86
CA ASN A 141 10.32 -59.97 -11.86
C ASN A 141 9.94 -58.97 -10.77
N GLN A 142 8.65 -58.88 -10.47
CA GLN A 142 8.13 -58.04 -9.39
C GLN A 142 8.50 -56.57 -9.59
N THR A 143 8.33 -56.08 -10.81
CA THR A 143 8.63 -54.70 -11.15
C THR A 143 7.42 -53.90 -11.59
N LEU A 144 6.41 -54.54 -12.18
CA LEU A 144 5.26 -53.80 -12.69
C LEU A 144 4.49 -53.12 -11.56
N SER A 145 4.29 -53.83 -10.44
CA SER A 145 3.58 -53.23 -9.31
C SER A 145 4.36 -52.06 -8.72
N PHE A 146 5.68 -52.20 -8.61
CA PHE A 146 6.51 -51.11 -8.10
C PHE A 146 6.42 -49.90 -9.02
N THR A 147 6.49 -50.12 -10.33
CA THR A 147 6.39 -49.02 -11.28
C THR A 147 5.02 -48.34 -11.18
N VAL A 148 3.95 -49.12 -11.05
CA VAL A 148 2.61 -48.55 -10.97
C VAL A 148 2.46 -47.70 -9.71
N LEU A 149 2.93 -48.23 -8.58
CA LEU A 149 2.83 -47.50 -7.31
C LEU A 149 3.65 -46.21 -7.36
N THR A 150 4.88 -46.29 -7.90
CA THR A 150 5.71 -45.11 -8.00
C THR A 150 5.12 -44.08 -8.94
N CYS A 151 4.50 -44.54 -10.04
CA CYS A 151 3.87 -43.61 -10.97
C CYS A 151 2.66 -42.93 -10.34
N ILE A 152 1.87 -43.67 -9.57
CA ILE A 152 0.72 -43.06 -8.88
C ILE A 152 1.20 -42.01 -7.87
N ILE A 153 2.23 -42.35 -7.10
CA ILE A 153 2.78 -41.41 -6.13
C ILE A 153 3.33 -40.17 -6.84
N SER A 154 3.99 -40.37 -7.97
CA SER A 154 4.50 -39.23 -8.74
C SER A 154 3.38 -38.37 -9.28
N LEU A 155 2.28 -39.00 -9.73
CA LEU A 155 1.16 -38.24 -10.25
C LEU A 155 0.53 -37.37 -9.17
N VAL A 156 0.28 -37.94 -7.99
CA VAL A 156 -0.29 -37.13 -6.91
C VAL A 156 0.71 -36.07 -6.45
N GLY A 157 2.01 -36.38 -6.53
CA GLY A 157 3.02 -35.38 -6.21
C GLY A 157 3.02 -34.20 -7.16
N LEU A 158 2.92 -34.47 -8.47
CA LEU A 158 2.78 -33.37 -9.42
C LEU A 158 1.51 -32.58 -9.18
N THR A 159 0.40 -33.27 -8.88
CA THR A 159 -0.84 -32.54 -8.62
C THR A 159 -0.68 -31.58 -7.44
N GLY A 160 -0.17 -32.10 -6.32
CA GLY A 160 -0.01 -31.26 -5.13
C GLY A 160 0.99 -30.15 -5.34
N ASN A 161 2.13 -30.45 -5.95
CA ASN A 161 3.14 -29.43 -6.19
C ASN A 161 2.62 -28.35 -7.14
N ALA A 162 1.86 -28.74 -8.16
CA ALA A 162 1.30 -27.77 -9.08
C ALA A 162 0.31 -26.85 -8.39
N VAL A 163 -0.59 -27.43 -7.57
CA VAL A 163 -1.59 -26.57 -6.93
C VAL A 163 -0.92 -25.63 -5.92
N VAL A 164 0.05 -26.15 -5.15
CA VAL A 164 0.70 -25.29 -4.16
C VAL A 164 1.55 -24.22 -4.84
N LEU A 165 2.20 -24.56 -5.96
CA LEU A 165 2.99 -23.58 -6.69
C LEU A 165 2.11 -22.50 -7.29
N TRP A 166 0.98 -22.88 -7.87
CA TRP A 166 0.05 -21.90 -8.42
C TRP A 166 -0.50 -20.99 -7.32
N LEU A 167 -0.83 -21.57 -6.17
CA LEU A 167 -1.38 -20.77 -5.07
C LEU A 167 -0.33 -19.80 -4.54
N LEU A 168 0.93 -20.25 -4.40
CA LEU A 168 1.95 -19.41 -3.78
C LEU A 168 2.58 -18.43 -4.75
N GLY A 169 2.52 -18.68 -6.06
CA GLY A 169 3.11 -17.76 -7.01
C GLY A 169 2.40 -16.42 -7.08
N TYR A 170 1.08 -16.45 -7.01
CA TYR A 170 0.28 -15.23 -7.17
C TYR A 170 -0.62 -14.94 -5.98
N ARG A 171 -1.26 -15.96 -5.40
CA ARG A 171 -2.16 -15.77 -4.27
C ARG A 171 -1.44 -16.02 -2.95
N MET A 172 -0.37 -15.25 -2.73
CA MET A 172 0.43 -15.37 -1.51
C MET A 172 1.13 -14.05 -1.25
N ARG A 173 1.61 -13.90 -0.02
CA ARG A 173 2.30 -12.69 0.40
C ARG A 173 3.81 -12.84 0.52
N ARG A 174 4.31 -14.08 0.66
CA ARG A 174 5.75 -14.36 0.75
C ARG A 174 6.38 -13.57 1.90
N ASN A 175 5.94 -13.91 3.12
CA ASN A 175 6.34 -13.12 4.28
C ASN A 175 7.78 -13.39 4.69
N ALA A 176 8.08 -14.59 5.18
CA ALA A 176 9.45 -14.96 5.51
C ALA A 176 9.84 -16.38 5.13
N VAL A 177 8.91 -17.31 4.99
CA VAL A 177 9.23 -18.71 4.76
C VAL A 177 8.41 -19.23 3.58
N SER A 178 7.42 -18.45 3.15
CA SER A 178 6.60 -18.85 2.02
C SER A 178 7.43 -18.96 0.74
N ILE A 179 8.48 -18.15 0.60
CA ILE A 179 9.39 -18.29 -0.53
C ILE A 179 10.10 -19.63 -0.46
N TYR A 180 10.47 -20.07 0.75
CA TYR A 180 11.13 -21.36 0.91
C TYR A 180 10.21 -22.50 0.51
N ILE A 181 8.95 -22.45 0.93
CA ILE A 181 7.99 -23.47 0.49
C ILE A 181 7.81 -23.40 -1.03
N LEU A 182 7.85 -22.18 -1.59
CA LEU A 182 7.65 -22.03 -3.03
C LEU A 182 8.76 -22.71 -3.82
N ASN A 183 10.02 -22.41 -3.51
CA ASN A 183 11.09 -23.02 -4.32
C ASN A 183 11.28 -24.49 -3.97
N LEU A 184 10.96 -24.89 -2.74
CA LEU A 184 10.98 -26.31 -2.42
C LEU A 184 9.93 -27.07 -3.22
N ALA A 185 8.74 -26.47 -3.38
CA ALA A 185 7.70 -27.08 -4.21
C ALA A 185 8.13 -27.13 -5.67
N ALA A 186 8.79 -26.07 -6.15
CA ALA A 186 9.30 -26.11 -7.53
C ALA A 186 10.33 -27.21 -7.70
N ALA A 187 11.24 -27.36 -6.74
CA ALA A 187 12.24 -28.41 -6.80
C ALA A 187 11.59 -29.79 -6.78
N ASP A 188 10.56 -29.97 -5.94
CA ASP A 188 9.85 -31.24 -5.92
C ASP A 188 9.14 -31.49 -7.24
N PHE A 189 8.56 -30.46 -7.83
CA PHE A 189 7.91 -30.60 -9.14
C PHE A 189 8.91 -31.09 -10.17
N LEU A 190 10.10 -30.50 -10.20
CA LEU A 190 11.16 -31.00 -11.07
C LEU A 190 11.54 -32.43 -10.74
N PHE A 191 11.65 -32.75 -9.46
CA PHE A 191 12.10 -34.08 -9.05
C PHE A 191 11.14 -35.16 -9.55
N LEU A 192 9.84 -35.02 -9.26
CA LEU A 192 8.90 -36.01 -9.79
C LEU A 192 8.70 -35.88 -11.29
N SER A 193 9.02 -34.73 -11.90
CA SER A 193 8.99 -34.65 -13.35
C SER A 193 10.02 -35.58 -13.97
N PHE A 194 11.28 -35.49 -13.51
CA PHE A 194 12.27 -36.45 -13.98
C PHE A 194 11.96 -37.87 -13.52
N GLN A 195 11.28 -38.03 -12.39
CA GLN A 195 10.87 -39.38 -11.97
C GLN A 195 9.91 -40.01 -12.99
N ILE A 196 8.90 -39.24 -13.42
CA ILE A 196 7.96 -39.73 -14.43
C ILE A 196 8.66 -39.91 -15.77
N ILE A 197 9.63 -39.05 -16.09
CA ILE A 197 10.35 -39.20 -17.34
C ILE A 197 11.20 -40.47 -17.34
N ARG A 198 11.74 -40.83 -16.17
CA ARG A 198 12.71 -41.92 -16.09
C ARG A 198 12.04 -43.28 -15.89
N LEU A 199 11.23 -43.40 -14.84
CA LEU A 199 10.84 -44.71 -14.33
C LEU A 199 10.13 -45.60 -15.35
N PRO A 200 9.07 -45.16 -16.04
CA PRO A 200 8.28 -46.11 -16.86
C PRO A 200 9.04 -46.70 -18.03
N LEU A 201 10.15 -46.11 -18.46
CA LEU A 201 10.92 -46.69 -19.56
C LEU A 201 11.89 -47.77 -19.09
N ARG A 202 11.91 -48.07 -17.79
CA ARG A 202 12.77 -49.13 -17.29
C ARG A 202 12.31 -50.50 -17.77
N LEU A 203 11.09 -50.60 -18.29
CA LEU A 203 10.55 -51.88 -18.73
C LEU A 203 10.71 -52.12 -20.23
N ILE A 204 10.75 -51.07 -21.04
CA ILE A 204 10.76 -51.18 -22.48
C ILE A 204 11.99 -50.45 -23.03
N ASN A 205 12.66 -51.07 -24.01
CA ASN A 205 13.80 -50.47 -24.70
C ASN A 205 14.92 -50.13 -23.72
N ILE A 206 15.48 -51.19 -23.11
CA ILE A 206 16.55 -51.02 -22.14
C ILE A 206 17.83 -50.58 -22.87
N SER A 207 18.46 -49.54 -22.37
CA SER A 207 19.70 -49.02 -22.93
C SER A 207 20.84 -48.95 -21.94
N HIS A 208 20.56 -48.80 -20.65
CA HIS A 208 21.54 -48.81 -19.57
C HIS A 208 22.55 -47.66 -19.67
N LEU A 209 22.33 -46.70 -20.55
CA LEU A 209 23.26 -45.59 -20.73
C LEU A 209 22.64 -44.24 -20.38
N ILE A 210 21.48 -43.91 -20.97
CA ILE A 210 20.87 -42.62 -20.68
C ILE A 210 20.28 -42.57 -19.28
N ARG A 211 20.05 -43.71 -18.65
CA ARG A 211 19.49 -43.71 -17.30
C ARG A 211 20.46 -43.11 -16.30
N LYS A 212 21.77 -43.34 -16.49
CA LYS A 212 22.76 -42.69 -15.64
C LYS A 212 22.67 -41.17 -15.77
N ILE A 213 22.53 -40.67 -17.00
CA ILE A 213 22.35 -39.23 -17.21
C ILE A 213 21.10 -38.76 -16.49
N LEU A 214 20.02 -39.54 -16.58
CA LEU A 214 18.75 -39.13 -15.99
C LEU A 214 18.85 -39.04 -14.47
N VAL A 215 19.48 -40.02 -13.83
CA VAL A 215 19.59 -39.97 -12.37
C VAL A 215 20.55 -38.86 -11.95
N SER A 216 21.62 -38.64 -12.73
CA SER A 216 22.55 -37.57 -12.41
C SER A 216 21.87 -36.21 -12.49
N VAL A 217 20.98 -36.03 -13.47
CA VAL A 217 20.22 -34.78 -13.55
C VAL A 217 19.21 -34.69 -12.42
N MET A 218 18.53 -35.80 -12.11
CA MET A 218 17.48 -35.78 -11.10
C MET A 218 18.03 -35.54 -9.69
N THR A 219 19.29 -35.91 -9.46
CA THR A 219 19.87 -35.70 -8.12
C THR A 219 20.06 -34.23 -7.80
N PHE A 220 19.99 -33.34 -8.80
CA PHE A 220 20.12 -31.92 -8.51
C PHE A 220 18.85 -31.36 -7.87
N PRO A 221 17.65 -31.58 -8.40
CA PRO A 221 16.45 -31.18 -7.64
C PRO A 221 16.32 -31.88 -6.30
N TYR A 222 16.82 -33.10 -6.17
CA TYR A 222 16.80 -33.80 -4.89
C TYR A 222 17.61 -33.05 -3.83
N PHE A 223 18.86 -32.72 -4.16
CA PHE A 223 19.67 -31.95 -3.22
C PHE A 223 19.08 -30.57 -2.99
N THR A 224 18.48 -29.98 -4.02
CA THR A 224 17.81 -28.69 -3.87
C THR A 224 16.67 -28.78 -2.86
N GLY A 225 15.85 -29.83 -2.96
CA GLY A 225 14.74 -30.00 -2.04
C GLY A 225 15.18 -30.27 -0.61
N LEU A 226 16.18 -31.13 -0.42
CA LEU A 226 16.71 -31.33 0.93
C LEU A 226 17.32 -30.05 1.48
N SER A 227 17.99 -29.28 0.63
CA SER A 227 18.61 -28.05 1.07
C SER A 227 17.56 -27.06 1.56
N MET A 228 16.45 -26.92 0.82
CA MET A 228 15.40 -26.02 1.31
C MET A 228 14.63 -26.60 2.49
N LEU A 229 14.56 -27.93 2.63
CA LEU A 229 14.00 -28.48 3.86
C LEU A 229 14.84 -28.08 5.06
N SER A 230 16.17 -28.21 4.92
CA SER A 230 17.06 -27.77 5.99
C SER A 230 16.94 -26.28 6.24
N ALA A 231 16.80 -25.49 5.16
CA ALA A 231 16.64 -24.05 5.30
C ALA A 231 15.36 -23.71 6.05
N ILE A 232 14.25 -24.40 5.73
CA ILE A 232 13.00 -24.17 6.45
C ILE A 232 13.16 -24.50 7.92
N SER A 233 13.79 -25.64 8.22
CA SER A 233 13.97 -26.04 9.61
C SER A 233 14.80 -25.02 10.38
N THR A 234 15.92 -24.58 9.80
CA THR A 234 16.77 -23.65 10.52
C THR A 234 16.14 -22.26 10.61
N GLU A 235 15.35 -21.86 9.61
CA GLU A 235 14.65 -20.58 9.69
C GLU A 235 13.60 -20.60 10.78
N ARG A 236 12.86 -21.69 10.91
CA ARG A 236 11.91 -21.81 12.01
C ARG A 236 12.63 -21.80 13.35
N CYS A 237 13.76 -22.50 13.45
CA CYS A 237 14.54 -22.49 14.69
C CYS A 237 15.01 -21.09 15.04
N LEU A 238 15.49 -20.34 14.06
CA LEU A 238 15.97 -18.98 14.32
C LEU A 238 14.82 -18.05 14.67
N SER A 239 13.65 -18.24 14.05
CA SER A 239 12.50 -17.42 14.40
C SER A 239 12.05 -17.68 15.83
N VAL A 240 12.09 -18.93 16.27
CA VAL A 240 11.72 -19.25 17.64
C VAL A 240 12.78 -18.73 18.62
N LEU A 241 14.06 -18.87 18.26
CA LEU A 241 15.13 -18.44 19.17
C LEU A 241 15.18 -16.92 19.30
N TRP A 242 15.11 -16.20 18.17
CA TRP A 242 15.17 -14.74 18.16
C TRP A 242 13.98 -14.21 17.38
N PRO A 243 12.83 -14.02 18.04
CA PRO A 243 11.66 -13.52 17.31
C PRO A 243 11.78 -12.04 16.96
N ILE A 244 12.36 -11.23 17.84
CA ILE A 244 12.50 -9.81 17.56
C ILE A 244 13.40 -9.59 16.36
N TRP A 245 14.54 -10.30 16.31
CA TRP A 245 15.42 -10.20 15.15
C TRP A 245 14.73 -10.69 13.89
N TYR A 246 14.00 -11.80 13.99
CA TYR A 246 13.36 -12.38 12.82
C TYR A 246 12.29 -11.45 12.24
N ARG A 247 11.60 -10.72 13.11
CA ARG A 247 10.54 -9.84 12.62
C ARG A 247 11.07 -8.45 12.26
N CYS A 248 11.99 -7.91 13.05
CA CYS A 248 12.40 -6.53 12.92
C CYS A 248 13.72 -6.37 12.16
N ARG A 249 14.74 -7.15 12.49
CA ARG A 249 16.09 -6.93 11.99
C ARG A 249 16.45 -7.80 10.80
N ARG A 250 15.51 -8.58 10.27
CA ARG A 250 15.83 -9.40 9.10
C ARG A 250 15.93 -8.51 7.86
N PRO A 251 16.80 -8.87 6.92
CA PRO A 251 17.00 -8.02 5.72
C PRO A 251 15.86 -8.06 4.72
N THR A 252 14.84 -8.91 4.94
CA THR A 252 13.68 -9.04 4.07
C THR A 252 14.04 -9.54 2.67
N HIS A 253 15.32 -9.87 2.45
CA HIS A 253 15.74 -10.46 1.19
C HIS A 253 16.71 -11.61 1.40
N LEU A 254 16.96 -12.02 2.65
CA LEU A 254 17.82 -13.17 2.89
C LEU A 254 17.23 -14.45 2.33
N SER A 255 15.90 -14.53 2.25
CA SER A 255 15.26 -15.74 1.75
C SER A 255 15.63 -16.00 0.29
N ALA A 256 15.58 -14.96 -0.55
CA ALA A 256 15.93 -15.14 -1.96
C ALA A 256 17.43 -15.35 -2.14
N VAL A 257 18.24 -14.72 -1.30
CA VAL A 257 19.69 -14.92 -1.36
C VAL A 257 20.03 -16.38 -1.07
N VAL A 258 19.44 -16.92 0.00
CA VAL A 258 19.65 -18.33 0.31
C VAL A 258 19.05 -19.22 -0.75
N CYS A 259 17.92 -18.81 -1.34
CA CYS A 259 17.35 -19.52 -2.48
C CYS A 259 18.38 -19.72 -3.58
N VAL A 260 18.93 -18.62 -4.10
CA VAL A 260 19.84 -18.73 -5.23
C VAL A 260 21.13 -19.43 -4.81
N LEU A 261 21.60 -19.19 -3.59
CA LEU A 261 22.81 -19.84 -3.12
C LEU A 261 22.64 -21.35 -3.05
N LEU A 262 21.50 -21.81 -2.53
CA LEU A 262 21.27 -23.24 -2.38
C LEU A 262 21.02 -23.90 -3.72
N TRP A 263 20.33 -23.21 -4.64
CA TRP A 263 20.16 -23.76 -5.98
C TRP A 263 21.51 -23.92 -6.68
N GLY A 264 22.37 -22.89 -6.59
CA GLY A 264 23.68 -22.99 -7.19
C GLY A 264 24.56 -24.04 -6.55
N LEU A 265 24.45 -24.19 -5.23
CA LEU A 265 25.22 -25.21 -4.54
C LEU A 265 24.72 -26.61 -4.87
N SER A 266 23.42 -26.76 -5.11
CA SER A 266 22.89 -28.04 -5.55
C SER A 266 23.26 -28.34 -7.00
N LEU A 267 23.56 -27.31 -7.80
CA LEU A 267 24.23 -27.55 -9.07
C LEU A 267 25.57 -28.24 -8.85
N LEU A 268 26.26 -27.87 -7.77
CA LEU A 268 27.49 -28.55 -7.37
C LEU A 268 27.15 -29.85 -6.64
N PHE A 269 28.18 -30.56 -6.21
CA PHE A 269 28.07 -31.89 -5.59
C PHE A 269 27.26 -32.85 -6.45
N SER A 270 27.14 -32.57 -7.74
CA SER A 270 26.58 -33.52 -8.70
C SER A 270 27.64 -34.40 -9.31
N MET A 271 28.92 -34.12 -9.04
CA MET A 271 30.04 -34.89 -9.56
C MET A 271 30.45 -36.04 -8.65
N LEU A 272 29.49 -36.57 -7.87
CA LEU A 272 29.80 -37.70 -6.98
C LEU A 272 30.26 -38.92 -7.77
N GLU A 273 29.37 -39.46 -8.61
CA GLU A 273 29.74 -40.56 -9.49
C GLU A 273 30.51 -40.09 -10.71
N TRP A 274 30.43 -38.80 -11.04
CA TRP A 274 31.04 -38.29 -12.26
C TRP A 274 32.55 -38.13 -12.12
N ARG A 275 33.28 -39.24 -12.07
CA ARG A 275 34.73 -39.21 -12.21
C ARG A 275 35.13 -39.42 -13.67
N PHE A 276 34.52 -38.63 -14.55
CA PHE A 276 34.70 -38.75 -16.00
C PHE A 276 35.34 -37.46 -16.50
N CYS A 277 36.59 -37.54 -16.96
CA CYS A 277 37.35 -36.41 -17.49
C CYS A 277 37.27 -35.20 -16.56
N ASP A 278 37.17 -35.45 -15.24
CA ASP A 278 37.09 -34.36 -14.28
C ASP A 278 38.35 -33.52 -14.27
N PHE A 279 39.52 -34.17 -14.35
CA PHE A 279 40.79 -33.46 -14.36
C PHE A 279 41.06 -32.93 -15.76
N LEU A 280 40.96 -31.61 -15.91
CA LEU A 280 41.18 -30.96 -17.19
C LEU A 280 42.50 -30.18 -17.23
N PHE A 281 43.33 -30.30 -16.20
CA PHE A 281 44.60 -29.60 -16.15
C PHE A 281 45.77 -30.57 -16.14
N SER A 286 44.10 -30.53 -10.57
CA SER A 286 45.03 -31.64 -10.40
C SER A 286 44.83 -32.33 -9.05
N SER A 287 44.73 -31.53 -7.99
CA SER A 287 44.54 -32.05 -6.63
C SER A 287 43.05 -32.35 -6.42
N TRP A 288 42.61 -33.45 -7.03
CA TRP A 288 41.23 -33.88 -6.96
C TRP A 288 41.18 -35.34 -6.56
N CYS A 289 40.15 -35.72 -5.80
CA CYS A 289 39.98 -37.09 -5.35
C CYS A 289 39.46 -37.94 -6.50
N GLU A 290 40.28 -38.86 -7.00
CA GLU A 290 39.91 -39.65 -8.17
C GLU A 290 38.69 -40.52 -7.89
N THR A 291 38.70 -41.25 -6.78
CA THR A 291 37.60 -42.15 -6.43
C THR A 291 36.96 -41.78 -5.10
N SER A 292 37.76 -41.57 -4.05
CA SER A 292 37.22 -41.31 -2.72
C SER A 292 36.95 -39.82 -2.52
N ASP A 293 36.03 -39.30 -3.33
CA ASP A 293 35.57 -37.92 -3.21
C ASP A 293 34.30 -37.92 -2.37
N PHE A 294 34.45 -37.75 -1.06
CA PHE A 294 33.34 -37.81 -0.12
C PHE A 294 32.78 -36.43 0.23
N ILE A 295 32.88 -35.48 -0.70
CA ILE A 295 32.39 -34.12 -0.46
C ILE A 295 30.87 -34.06 -0.64
N PRO A 296 30.28 -34.67 -1.69
CA PRO A 296 28.80 -34.71 -1.73
C PRO A 296 28.19 -35.41 -0.52
N VAL A 297 28.81 -36.49 -0.05
CA VAL A 297 28.31 -37.16 1.15
C VAL A 297 28.44 -36.25 2.36
N ALA A 298 29.54 -35.49 2.41
CA ALA A 298 29.71 -34.52 3.49
C ALA A 298 28.61 -33.47 3.46
N TRP A 299 28.26 -32.98 2.27
CA TRP A 299 27.20 -31.98 2.15
C TRP A 299 25.85 -32.55 2.58
N LEU A 300 25.54 -33.77 2.13
CA LEU A 300 24.27 -34.40 2.50
C LEU A 300 24.19 -34.63 4.00
N ILE A 301 25.25 -35.15 4.61
CA ILE A 301 25.24 -35.40 6.04
C ILE A 301 25.19 -34.09 6.81
N PHE A 302 25.82 -33.03 6.29
CA PHE A 302 25.75 -31.72 6.93
C PHE A 302 24.32 -31.19 6.91
N LEU A 303 23.63 -31.33 5.77
CA LEU A 303 22.24 -30.92 5.71
C LEU A 303 21.40 -31.71 6.72
N CYS A 304 21.62 -33.03 6.80
CA CYS A 304 20.86 -33.84 7.72
C CYS A 304 21.09 -33.41 9.18
N VAL A 305 22.35 -33.23 9.56
CA VAL A 305 22.64 -32.91 10.96
C VAL A 305 22.15 -31.51 11.30
N VAL A 306 22.27 -30.57 10.37
CA VAL A 306 21.80 -29.21 10.67
C VAL A 306 20.28 -29.18 10.78
N LEU A 307 19.57 -29.95 9.94
CA LEU A 307 18.12 -30.03 10.08
C LEU A 307 17.74 -30.64 11.43
N CYS A 308 18.40 -31.74 11.81
CA CYS A 308 18.08 -32.39 13.07
C CYS A 308 18.38 -31.49 14.26
N VAL A 309 19.52 -30.80 14.23
CA VAL A 309 19.89 -29.95 15.36
C VAL A 309 18.99 -28.71 15.42
N SER A 310 18.54 -28.19 14.27
CA SER A 310 17.59 -27.08 14.29
C SER A 310 16.27 -27.51 14.91
N SER A 311 15.77 -28.69 14.53
CA SER A 311 14.54 -29.19 15.14
C SER A 311 14.71 -29.41 16.64
N LEU A 312 15.85 -29.99 17.05
CA LEU A 312 16.08 -30.25 18.46
C LEU A 312 16.18 -28.95 19.26
N VAL A 313 16.87 -27.95 18.72
CA VAL A 313 17.00 -26.67 19.41
C VAL A 313 15.64 -25.99 19.52
N LEU A 314 14.83 -26.04 18.46
CA LEU A 314 13.49 -25.47 18.53
C LEU A 314 12.67 -26.16 19.61
N LEU A 315 12.72 -27.49 19.66
CA LEU A 315 11.97 -28.23 20.66
C LEU A 315 12.43 -27.89 22.07
N VAL A 316 13.74 -27.79 22.28
CA VAL A 316 14.27 -27.46 23.60
C VAL A 316 13.82 -26.07 24.02
N ARG A 317 13.91 -25.10 23.10
CA ARG A 317 13.50 -23.74 23.43
C ARG A 317 12.00 -23.68 23.74
N ILE A 318 11.19 -24.43 22.98
CA ILE A 318 9.75 -24.45 23.24
C ILE A 318 9.44 -25.06 24.60
N LEU A 319 10.12 -26.16 24.94
CA LEU A 319 9.89 -26.83 26.21
C LEU A 319 10.50 -26.09 27.40
N CYS A 320 11.41 -25.16 27.17
CA CYS A 320 12.09 -24.44 28.24
C CYS A 320 11.62 -22.99 28.35
N GLY A 321 10.32 -22.77 28.17
CA GLY A 321 9.76 -21.44 28.28
C GLY A 321 8.35 -21.45 28.82
N SER A 322 7.64 -20.32 28.69
CA SER A 322 6.25 -20.26 29.11
C SER A 322 5.41 -21.25 28.31
N ARG A 323 4.54 -21.98 29.02
CA ARG A 323 3.80 -23.08 28.42
C ARG A 323 2.33 -22.66 28.26
N LYS A 324 2.01 -22.14 27.07
CA LYS A 324 0.61 -22.00 26.68
C LYS A 324 -0.01 -23.35 26.34
N MET A 325 0.81 -24.39 26.25
CA MET A 325 0.45 -25.78 25.99
C MET A 325 -0.30 -26.00 24.66
N PRO A 326 0.17 -25.46 23.52
CA PRO A 326 -0.30 -26.00 22.25
C PRO A 326 0.59 -27.14 21.80
N LEU A 327 0.94 -28.02 22.74
CA LEU A 327 1.88 -29.11 22.47
C LEU A 327 1.15 -30.40 22.11
N THR A 328 0.24 -30.31 21.17
CA THR A 328 -0.49 -31.45 20.65
C THR A 328 -0.32 -31.60 19.15
N ARG A 329 -0.22 -30.50 18.41
CA ARG A 329 0.01 -30.56 16.97
C ARG A 329 1.37 -30.02 16.56
N LEU A 330 2.01 -29.19 17.40
CA LEU A 330 3.40 -28.82 17.14
C LEU A 330 4.30 -30.04 17.22
N TYR A 331 4.09 -30.89 18.22
CA TYR A 331 4.84 -32.14 18.30
C TYR A 331 4.63 -32.98 17.05
N VAL A 332 3.38 -33.14 16.63
CA VAL A 332 3.11 -34.03 15.51
C VAL A 332 3.69 -33.47 14.21
N THR A 333 3.66 -32.15 14.04
CA THR A 333 4.19 -31.58 12.80
C THR A 333 5.71 -31.64 12.77
N ILE A 334 6.37 -31.38 13.91
CA ILE A 334 7.83 -31.47 13.95
C ILE A 334 8.29 -32.91 13.73
N LEU A 335 7.64 -33.86 14.41
CA LEU A 335 8.01 -35.26 14.23
C LEU A 335 7.71 -35.72 12.80
N LEU A 336 6.61 -35.24 12.21
CA LEU A 336 6.31 -35.62 10.84
C LEU A 336 7.35 -35.06 9.87
N THR A 337 7.79 -33.82 10.07
CA THR A 337 8.86 -33.27 9.22
C THR A 337 10.12 -34.10 9.36
N VAL A 338 10.50 -34.42 10.60
CA VAL A 338 11.73 -35.19 10.83
C VAL A 338 11.62 -36.57 10.17
N LEU A 339 10.46 -37.22 10.31
CA LEU A 339 10.30 -38.55 9.74
C LEU A 339 10.30 -38.53 8.22
N VAL A 340 9.55 -37.61 7.61
CA VAL A 340 9.54 -37.54 6.15
C VAL A 340 10.87 -37.07 5.60
N PHE A 341 11.72 -36.45 6.42
CA PHE A 341 13.08 -36.18 5.97
C PHE A 341 13.99 -37.39 6.14
N LEU A 342 13.77 -38.20 7.18
CA LEU A 342 14.63 -39.34 7.46
C LEU A 342 14.06 -40.66 6.93
N LEU A 343 12.83 -41.01 7.31
CA LEU A 343 12.24 -42.27 6.85
C LEU A 343 11.94 -42.25 5.35
N CYS A 344 11.89 -41.07 4.73
CA CYS A 344 11.66 -40.95 3.30
C CYS A 344 12.61 -39.90 2.75
N GLY A 345 12.91 -40.01 1.46
CA GLY A 345 13.83 -39.09 0.82
C GLY A 345 15.28 -39.40 1.13
N LEU A 346 15.66 -39.30 2.40
CA LEU A 346 17.03 -39.60 2.79
C LEU A 346 17.51 -40.98 2.38
N PRO A 347 16.69 -42.05 2.45
CA PRO A 347 17.18 -43.35 1.97
C PRO A 347 17.69 -43.33 0.54
N PHE A 348 17.03 -42.58 -0.36
CA PHE A 348 17.52 -42.49 -1.74
C PHE A 348 18.90 -41.84 -1.78
N GLY A 349 19.10 -40.76 -1.03
CA GLY A 349 20.39 -40.09 -1.03
C GLY A 349 21.50 -40.94 -0.44
N ILE A 350 21.22 -41.62 0.67
CA ILE A 350 22.26 -42.47 1.27
C ILE A 350 22.55 -43.68 0.38
N LEU A 351 21.52 -44.22 -0.29
CA LEU A 351 21.76 -45.30 -1.24
C LEU A 351 22.63 -44.83 -2.40
N GLY A 352 22.37 -43.63 -2.91
CA GLY A 352 23.22 -43.09 -3.97
C GLY A 352 24.64 -42.89 -3.51
N ALA A 353 24.82 -42.35 -2.29
CA ALA A 353 26.16 -42.13 -1.76
C ALA A 353 26.91 -43.44 -1.60
N LEU A 354 26.26 -44.47 -1.05
CA LEU A 354 26.90 -45.76 -0.86
C LEU A 354 27.15 -46.48 -2.18
N ILE A 355 26.28 -46.28 -3.17
CA ILE A 355 26.46 -46.92 -4.46
C ILE A 355 27.58 -46.28 -5.26
N TYR A 356 27.76 -44.96 -5.19
CA TYR A 356 28.89 -44.35 -5.85
C TYR A 356 30.17 -44.47 -5.04
N ARG A 357 30.07 -44.77 -3.73
CA ARG A 357 31.26 -45.05 -2.94
C ARG A 357 31.89 -46.38 -3.35
N MET A 358 31.08 -47.43 -3.45
CA MET A 358 31.51 -48.75 -3.89
C MET A 358 30.79 -49.08 -5.19
N HIS A 359 31.56 -49.23 -6.26
CA HIS A 359 31.00 -49.32 -7.61
C HIS A 359 30.28 -50.65 -7.76
N LEU A 360 28.96 -50.62 -7.55
CA LEU A 360 28.11 -51.81 -7.65
C LEU A 360 27.25 -51.71 -8.90
N ASN A 361 27.15 -52.83 -9.64
CA ASN A 361 26.36 -52.90 -10.85
C ASN A 361 24.96 -53.43 -10.60
N LEU A 362 24.43 -53.23 -9.38
CA LEU A 362 23.08 -53.60 -8.96
C LEU A 362 22.90 -55.11 -8.82
N GLU A 363 23.92 -55.87 -9.23
CA GLU A 363 23.98 -57.32 -9.07
C GLU A 363 22.63 -58.02 -9.19
N VAL A 364 22.29 -58.94 -8.29
CA VAL A 364 21.04 -59.67 -8.39
C VAL A 364 20.21 -59.50 -7.12
N LEU A 365 20.83 -59.00 -6.05
CA LEU A 365 20.11 -58.76 -4.80
C LEU A 365 19.75 -57.29 -4.60
N TYR A 366 20.32 -56.39 -5.39
CA TYR A 366 20.04 -54.96 -5.28
C TYR A 366 18.97 -54.49 -6.26
N CYS A 367 18.21 -55.41 -6.85
CA CYS A 367 17.15 -55.03 -7.78
C CYS A 367 15.87 -54.62 -7.08
N HIS A 368 15.81 -54.71 -5.75
CA HIS A 368 14.62 -54.34 -5.00
C HIS A 368 14.82 -53.15 -4.08
N VAL A 369 16.01 -52.98 -3.50
CA VAL A 369 16.25 -51.88 -2.57
C VAL A 369 16.29 -50.53 -3.29
N TYR A 370 16.81 -50.48 -4.51
CA TYR A 370 16.85 -49.22 -5.26
C TYR A 370 15.44 -48.75 -5.58
N LEU A 371 14.56 -49.67 -5.97
CA LEU A 371 13.17 -49.30 -6.23
C LEU A 371 12.49 -48.80 -4.95
N VAL A 372 12.77 -49.45 -3.82
CA VAL A 372 12.19 -49.02 -2.55
C VAL A 372 12.66 -47.61 -2.21
N CYS A 373 13.95 -47.33 -2.38
CA CYS A 373 14.46 -46.00 -2.07
C CYS A 373 13.88 -44.95 -3.01
N MET A 374 13.75 -45.29 -4.30
CA MET A 374 13.14 -44.36 -5.25
C MET A 374 11.69 -44.06 -4.88
N SER A 375 10.93 -45.09 -4.50
CA SER A 375 9.55 -44.88 -4.10
C SER A 375 9.47 -44.05 -2.83
N LEU A 376 10.39 -44.28 -1.88
CA LEU A 376 10.40 -43.48 -0.65
C LEU A 376 10.69 -42.01 -0.95
N SER A 377 11.65 -41.75 -1.83
CA SER A 377 11.94 -40.36 -2.21
C SER A 377 10.76 -39.72 -2.92
N SER A 378 10.10 -40.48 -3.81
CA SER A 378 8.92 -39.96 -4.48
C SER A 378 7.80 -39.63 -3.49
N LEU A 379 7.59 -40.51 -2.50
CA LEU A 379 6.58 -40.26 -1.48
C LEU A 379 6.94 -39.04 -0.64
N ASN A 380 8.21 -38.87 -0.31
CA ASN A 380 8.64 -37.69 0.44
C ASN A 380 8.36 -36.42 -0.35
N SER A 381 8.71 -36.43 -1.64
CA SER A 381 8.48 -35.25 -2.46
C SER A 381 6.99 -35.00 -2.70
N SER A 382 6.19 -36.06 -2.66
CA SER A 382 4.74 -35.89 -2.80
C SER A 382 4.13 -35.30 -1.55
N ALA A 383 4.53 -35.80 -0.37
CA ALA A 383 3.95 -35.37 0.89
C ALA A 383 4.53 -34.05 1.40
N ASN A 384 5.67 -33.60 0.86
CA ASN A 384 6.26 -32.35 1.33
C ASN A 384 5.35 -31.15 1.11
N PRO A 385 4.78 -30.90 -0.07
CA PRO A 385 3.86 -29.75 -0.20
C PRO A 385 2.66 -29.88 0.70
N ILE A 386 2.15 -31.09 0.91
CA ILE A 386 1.02 -31.29 1.82
C ILE A 386 1.37 -30.77 3.21
N ILE A 387 2.38 -31.38 3.83
CA ILE A 387 2.72 -31.07 5.22
C ILE A 387 3.15 -29.61 5.36
N TYR A 388 3.72 -29.02 4.32
CA TYR A 388 4.25 -27.67 4.48
C TYR A 388 3.28 -26.57 4.08
N PHE A 389 2.22 -26.87 3.33
CA PHE A 389 1.30 -25.77 3.05
C PHE A 389 -0.16 -26.12 3.31
N PHE A 390 -0.60 -27.34 2.98
CA PHE A 390 -2.02 -27.64 3.05
C PHE A 390 -2.49 -27.83 4.48
N VAL A 391 -1.60 -28.27 5.37
CA VAL A 391 -1.95 -28.36 6.79
C VAL A 391 -2.30 -26.98 7.32
N GLY A 392 -1.47 -25.98 7.02
CA GLY A 392 -1.77 -24.62 7.42
C GLY A 392 -2.99 -24.06 6.72
N SER A 393 -3.17 -24.41 5.44
CA SER A 393 -4.32 -23.89 4.70
C SER A 393 -5.64 -24.42 5.28
N PHE A 394 -5.68 -25.70 5.62
CA PHE A 394 -6.89 -26.31 6.17
C PHE A 394 -7.02 -26.16 7.68
N ARG A 395 -5.98 -25.66 8.36
CA ARG A 395 -6.07 -25.44 9.79
C ARG A 395 -7.05 -24.32 10.15
N GLN A 396 -7.38 -23.45 9.19
CA GLN A 396 -8.31 -22.36 9.44
C GLN A 396 -9.17 -22.08 8.22
N THR B 4 7.92 2.02 -28.08
CA THR B 4 8.69 2.44 -26.93
C THR B 4 8.08 3.68 -26.28
N VAL B 5 8.47 3.95 -25.04
CA VAL B 5 8.01 5.14 -24.32
C VAL B 5 8.99 6.27 -24.58
N SER B 6 8.50 7.50 -24.48
CA SER B 6 9.30 8.66 -24.84
C SER B 6 10.37 8.92 -23.77
N ALA B 7 11.21 9.91 -24.06
CA ALA B 7 12.27 10.27 -23.12
C ALA B 7 11.70 10.79 -21.81
N GLU B 8 10.67 11.63 -21.88
CA GLU B 8 10.05 12.13 -20.68
C GLU B 8 9.38 11.02 -19.89
N ASP B 9 8.78 10.05 -20.59
CA ASP B 9 8.19 8.91 -19.89
C ASP B 9 9.27 8.04 -19.26
N LYS B 10 10.42 7.88 -19.91
CA LYS B 10 11.52 7.15 -19.29
C LYS B 10 12.01 7.85 -18.03
N ALA B 11 12.13 9.18 -18.07
CA ALA B 11 12.57 9.91 -16.89
C ALA B 11 11.52 9.86 -15.78
N ALA B 12 10.24 9.89 -16.13
CA ALA B 12 9.18 9.71 -15.14
C ALA B 12 9.25 8.34 -14.50
N ALA B 13 9.52 7.31 -15.30
CA ALA B 13 9.69 5.96 -14.75
C ALA B 13 10.90 5.90 -13.82
N GLU B 14 11.99 6.59 -14.18
CA GLU B 14 13.15 6.64 -13.31
C GLU B 14 12.83 7.33 -11.99
N ARG B 15 12.06 8.41 -12.04
CA ARG B 15 11.63 9.08 -10.83
C ARG B 15 10.77 8.16 -9.97
N SER B 16 9.87 7.40 -10.61
CA SER B 16 9.05 6.45 -9.87
C SER B 16 9.91 5.36 -9.24
N LYS B 17 10.96 4.92 -9.93
CA LYS B 17 11.87 3.92 -9.36
C LYS B 17 12.62 4.47 -8.14
N MET B 18 13.07 5.73 -8.23
CA MET B 18 13.71 6.35 -7.07
C MET B 18 12.74 6.48 -5.91
N ILE B 19 11.48 6.80 -6.21
CA ILE B 19 10.46 6.86 -5.18
C ILE B 19 10.25 5.48 -4.56
N ASP B 20 10.24 4.43 -5.39
CA ASP B 20 10.14 3.07 -4.88
C ASP B 20 11.27 2.75 -3.91
N LYS B 21 12.49 3.14 -4.28
CA LYS B 21 13.64 2.90 -3.40
C LYS B 21 13.51 3.65 -2.08
N ASN B 22 13.08 4.91 -2.14
CA ASN B 22 12.91 5.69 -0.92
C ASN B 22 11.83 5.08 -0.03
N LEU B 23 10.71 4.65 -0.62
CA LEU B 23 9.65 4.03 0.15
C LEU B 23 10.10 2.72 0.77
N ARG B 24 10.87 1.92 0.02
CA ARG B 24 11.39 0.68 0.57
C ARG B 24 12.33 0.93 1.74
N GLU B 25 13.19 1.95 1.61
CA GLU B 25 14.08 2.28 2.72
C GLU B 25 13.28 2.73 3.95
N ASP B 26 12.26 3.57 3.74
CA ASP B 26 11.46 4.04 4.86
C ASP B 26 10.72 2.89 5.53
N GLY B 27 10.18 1.96 4.73
CA GLY B 27 9.51 0.80 5.30
C GLY B 27 10.47 -0.12 6.05
N GLU B 28 11.71 -0.25 5.55
CA GLU B 28 12.70 -1.03 6.27
C GLU B 28 13.03 -0.40 7.62
N LYS B 29 13.18 0.93 7.67
CA LYS B 29 13.42 1.59 8.95
C LYS B 29 12.23 1.46 9.88
N ALA B 30 11.01 1.55 9.35
CA ALA B 30 9.81 1.49 10.18
C ALA B 30 9.41 0.09 10.57
N ARG B 31 9.98 -0.94 9.93
CA ARG B 31 9.62 -2.31 10.27
C ARG B 31 10.26 -2.77 11.58
N ARG B 32 11.38 -2.17 11.97
CA ARG B 32 12.08 -2.55 13.19
C ARG B 32 11.59 -1.79 14.41
N THR B 33 10.39 -1.24 14.38
CA THR B 33 9.77 -0.60 15.52
C THR B 33 8.49 -1.34 15.87
N LEU B 34 8.15 -1.33 17.16
CA LEU B 34 6.97 -2.02 17.66
C LEU B 34 5.96 -0.98 18.14
N ARG B 35 4.73 -1.08 17.65
CA ARG B 35 3.69 -0.11 17.91
C ARG B 35 2.76 -0.64 18.98
N LEU B 36 2.59 0.13 20.06
CA LEU B 36 1.73 -0.23 21.17
C LEU B 36 0.60 0.78 21.29
N LEU B 37 -0.57 0.31 21.72
CA LEU B 37 -1.74 1.16 21.91
C LEU B 37 -2.06 1.24 23.39
N LEU B 38 -1.83 2.41 23.98
CA LEU B 38 -2.06 2.60 25.41
C LEU B 38 -3.52 2.95 25.66
N LEU B 39 -4.17 2.20 26.56
CA LEU B 39 -5.58 2.39 26.85
C LEU B 39 -5.81 2.41 28.35
N GLY B 40 -6.80 3.20 28.75
CA GLY B 40 -7.16 3.32 30.15
C GLY B 40 -8.38 4.20 30.28
N ALA B 41 -9.08 4.04 31.40
CA ALA B 41 -10.35 4.75 31.59
C ALA B 41 -10.12 6.17 32.07
N ASP B 42 -9.57 6.31 33.28
CA ASP B 42 -9.30 7.62 33.89
C ASP B 42 -8.58 7.38 35.20
N ASN B 43 -7.77 8.36 35.60
CA ASN B 43 -7.00 8.34 36.85
C ASN B 43 -6.29 7.01 37.07
N SER B 44 -6.00 6.30 35.97
CA SER B 44 -5.32 5.01 36.03
C SER B 44 -3.82 5.13 35.86
N GLY B 45 -3.31 6.34 35.64
CA GLY B 45 -1.88 6.52 35.45
C GLY B 45 -1.31 5.88 34.20
N LYS B 46 -1.99 6.03 33.06
CA LYS B 46 -1.47 5.48 31.81
C LYS B 46 -0.15 6.11 31.44
N SER B 47 -0.04 7.44 31.58
CA SER B 47 1.19 8.13 31.23
C SER B 47 2.33 7.83 32.20
N THR B 48 2.01 7.34 33.39
CA THR B 48 3.01 7.02 34.41
C THR B 48 3.50 5.58 34.31
N ILE B 49 3.03 4.82 33.31
CA ILE B 49 3.43 3.42 33.20
C ILE B 49 4.92 3.32 32.90
N VAL B 50 5.40 4.12 31.94
CA VAL B 50 6.82 4.16 31.58
C VAL B 50 7.34 5.56 31.90
N LYS B 51 8.42 5.62 32.68
CA LYS B 51 9.02 6.89 33.05
C LYS B 51 10.17 7.26 32.12
N GLY B 68 -5.05 15.35 19.77
CA GLY B 68 -4.86 14.32 18.75
C GLY B 68 -4.42 12.99 19.32
N ILE B 69 -3.12 12.70 19.20
CA ILE B 69 -2.55 11.47 19.70
C ILE B 69 -1.27 11.80 20.45
N PHE B 70 -1.13 11.28 21.67
CA PHE B 70 0.12 11.37 22.42
C PHE B 70 0.94 10.13 22.12
N GLU B 71 2.10 10.33 21.49
CA GLU B 71 2.98 9.24 21.07
C GLU B 71 4.31 9.37 21.78
N THR B 72 4.74 8.30 22.43
CA THR B 72 6.00 8.25 23.15
C THR B 72 6.82 7.07 22.63
N LYS B 73 8.08 7.34 22.31
CA LYS B 73 8.99 6.31 21.82
C LYS B 73 10.03 6.01 22.89
N PHE B 74 10.18 4.74 23.25
CA PHE B 74 11.18 4.34 24.23
C PHE B 74 11.90 3.10 23.75
N GLN B 75 13.22 3.06 23.98
CA GLN B 75 14.07 1.99 23.47
C GLN B 75 14.63 1.18 24.62
N VAL B 76 14.43 -0.13 24.57
CA VAL B 76 15.02 -1.07 25.52
C VAL B 76 15.60 -2.24 24.75
N ASP B 77 16.76 -2.73 25.21
CA ASP B 77 17.44 -3.87 24.59
C ASP B 77 17.65 -3.65 23.09
N LYS B 78 17.98 -2.41 22.73
CA LYS B 78 18.23 -2.02 21.34
C LYS B 78 17.03 -2.26 20.44
N VAL B 79 15.82 -2.18 20.98
CA VAL B 79 14.60 -2.24 20.20
C VAL B 79 13.69 -1.09 20.62
N ASN B 80 12.98 -0.52 19.66
CA ASN B 80 12.18 0.68 19.87
C ASN B 80 10.70 0.33 19.99
N PHE B 81 10.02 0.99 20.91
CA PHE B 81 8.60 0.81 21.14
C PHE B 81 7.90 2.15 20.97
N HIS B 82 6.80 2.15 20.23
CA HIS B 82 5.93 3.30 20.05
C HIS B 82 4.67 3.10 20.88
N MET B 83 4.32 4.08 21.69
CA MET B 83 3.15 4.02 22.55
C MET B 83 2.22 5.17 22.17
N PHE B 84 1.01 4.84 21.74
CA PHE B 84 0.02 5.82 21.30
C PHE B 84 -1.17 5.81 22.25
N ASP B 85 -1.57 7.00 22.71
CA ASP B 85 -2.81 7.16 23.44
C ASP B 85 -3.64 8.26 22.77
N VAL B 86 -4.94 8.06 22.73
CA VAL B 86 -5.86 8.96 22.04
C VAL B 86 -6.74 9.64 23.07
N GLY B 87 -6.68 10.97 23.12
CA GLY B 87 -7.47 11.74 24.05
C GLY B 87 -7.93 13.07 23.47
N ARG B 93 -15.14 5.25 20.71
CA ARG B 93 -13.84 4.62 20.51
C ARG B 93 -13.94 3.52 19.47
N ARG B 94 -15.16 3.00 19.28
CA ARG B 94 -15.37 1.88 18.38
C ARG B 94 -14.94 2.18 16.95
N LYS B 95 -14.84 3.45 16.57
CA LYS B 95 -14.49 3.80 15.21
C LYS B 95 -12.98 4.00 15.02
N TRP B 96 -12.33 4.75 15.91
CA TRP B 96 -10.91 4.99 15.75
C TRP B 96 -10.05 3.85 16.28
N ILE B 97 -10.62 2.91 17.04
CA ILE B 97 -9.87 1.72 17.43
C ILE B 97 -9.66 0.81 16.22
N GLN B 98 -10.41 1.01 15.15
CA GLN B 98 -10.26 0.22 13.94
C GLN B 98 -8.93 0.47 13.27
N CYS B 99 -8.40 1.69 13.37
CA CYS B 99 -7.13 2.02 12.74
C CYS B 99 -5.97 1.23 13.34
N PHE B 100 -6.04 0.96 14.64
CA PHE B 100 -4.97 0.23 15.34
C PHE B 100 -5.16 -1.28 15.17
N ASN B 101 -5.14 -1.70 13.91
CA ASN B 101 -5.28 -3.11 13.58
C ASN B 101 -3.95 -3.83 13.49
N ASP B 102 -2.91 -3.15 13.02
CA ASP B 102 -1.57 -3.74 12.92
C ASP B 102 -0.72 -3.46 14.15
N VAL B 103 -1.28 -2.83 15.18
CA VAL B 103 -0.53 -2.58 16.41
C VAL B 103 -0.16 -3.90 17.06
N THR B 104 1.06 -3.97 17.59
CA THR B 104 1.57 -5.24 18.11
C THR B 104 0.88 -5.64 19.41
N ALA B 105 0.47 -4.66 20.23
CA ALA B 105 -0.11 -4.99 21.52
C ALA B 105 -0.90 -3.80 22.05
N ILE B 106 -1.97 -4.09 22.78
CA ILE B 106 -2.75 -3.09 23.48
C ILE B 106 -2.38 -3.17 24.95
N ILE B 107 -1.88 -2.07 25.50
CA ILE B 107 -1.49 -2.01 26.89
C ILE B 107 -2.62 -1.35 27.67
N PHE B 108 -3.37 -2.16 28.42
CA PHE B 108 -4.54 -1.72 29.14
C PHE B 108 -4.17 -1.50 30.60
N VAL B 109 -4.33 -0.26 31.08
CA VAL B 109 -3.95 0.11 32.43
C VAL B 109 -5.21 0.24 33.28
N VAL B 110 -5.21 -0.42 34.44
CA VAL B 110 -6.38 -0.50 35.32
C VAL B 110 -6.00 0.03 36.69
N ASP B 111 -6.84 0.88 37.26
CA ASP B 111 -6.70 1.35 38.63
C ASP B 111 -7.46 0.38 39.54
N SER B 112 -6.74 -0.37 40.36
CA SER B 112 -7.34 -1.36 41.24
C SER B 112 -7.56 -0.86 42.66
N SER B 113 -7.15 0.38 42.97
CA SER B 113 -7.36 0.92 44.31
C SER B 113 -8.84 1.07 44.62
N ASP B 114 -9.61 1.58 43.66
CA ASP B 114 -11.04 1.77 43.82
C ASP B 114 -11.83 0.60 43.25
N TYR B 115 -13.08 0.49 43.69
CA TYR B 115 -13.95 -0.60 43.24
C TYR B 115 -15.28 -0.13 42.66
N ASN B 116 -15.67 1.12 42.88
CA ASN B 116 -16.88 1.63 42.23
C ASN B 116 -16.72 1.65 40.72
N ARG B 117 -15.54 2.05 40.24
CA ARG B 117 -15.23 2.06 38.82
C ARG B 117 -14.55 0.78 38.35
N LEU B 118 -14.32 -0.18 39.25
CA LEU B 118 -13.63 -1.41 38.86
C LEU B 118 -14.48 -2.21 37.87
N GLN B 119 -15.79 -2.29 38.10
CA GLN B 119 -16.65 -2.97 37.14
C GLN B 119 -16.73 -2.22 35.82
N GLU B 120 -16.63 -0.88 35.85
CA GLU B 120 -16.54 -0.13 34.61
C GLU B 120 -15.28 -0.50 33.85
N ALA B 121 -14.16 -0.66 34.57
CA ALA B 121 -12.93 -1.09 33.93
C ALA B 121 -13.06 -2.50 33.37
N LEU B 122 -13.78 -3.38 34.08
CA LEU B 122 -14.01 -4.73 33.57
C LEU B 122 -14.83 -4.70 32.30
N ASN B 123 -15.87 -3.87 32.25
CA ASN B 123 -16.67 -3.75 31.03
C ASN B 123 -15.85 -3.15 29.89
N ASP B 124 -14.99 -2.17 30.20
CA ASP B 124 -14.11 -1.61 29.19
C ASP B 124 -13.16 -2.67 28.63
N PHE B 125 -12.58 -3.48 29.51
CA PHE B 125 -11.69 -4.54 29.05
C PHE B 125 -12.43 -5.58 28.24
N LYS B 126 -13.67 -5.89 28.62
CA LYS B 126 -14.47 -6.83 27.85
C LYS B 126 -14.76 -6.29 26.46
N SER B 127 -15.10 -5.01 26.36
CA SER B 127 -15.38 -4.40 25.06
C SER B 127 -14.14 -4.37 24.19
N ILE B 128 -12.98 -4.02 24.76
CA ILE B 128 -11.75 -3.97 23.98
C ILE B 128 -11.33 -5.38 23.55
N TRP B 129 -11.42 -6.34 24.47
CA TRP B 129 -11.01 -7.71 24.16
C TRP B 129 -11.89 -8.33 23.07
N ASN B 130 -13.19 -8.08 23.13
CA ASN B 130 -14.14 -8.67 22.20
C ASN B 130 -14.37 -7.80 20.97
N ASN B 131 -13.55 -6.76 20.77
CA ASN B 131 -13.66 -5.95 19.57
C ASN B 131 -13.39 -6.79 18.33
N ARG B 132 -14.14 -6.51 17.26
CA ARG B 132 -14.00 -7.30 16.04
C ARG B 132 -12.64 -7.10 15.39
N TRP B 133 -12.12 -5.87 15.40
CA TRP B 133 -10.86 -5.59 14.74
C TRP B 133 -9.65 -5.91 15.59
N LEU B 134 -9.83 -6.06 16.90
CA LEU B 134 -8.74 -6.42 17.82
C LEU B 134 -8.79 -7.90 18.19
N ARG B 135 -9.20 -8.75 17.25
CA ARG B 135 -9.35 -10.17 17.52
C ARG B 135 -8.03 -10.94 17.50
N THR B 136 -6.95 -10.32 17.02
CA THR B 136 -5.64 -10.97 16.98
C THR B 136 -4.58 -10.18 17.73
N ILE B 137 -4.96 -9.10 18.40
CA ILE B 137 -4.02 -8.24 19.11
C ILE B 137 -4.04 -8.62 20.59
N SER B 138 -2.87 -8.96 21.13
CA SER B 138 -2.78 -9.33 22.53
C SER B 138 -2.76 -8.08 23.41
N VAL B 139 -3.14 -8.28 24.67
CA VAL B 139 -3.28 -7.19 25.62
C VAL B 139 -2.32 -7.43 26.78
N ILE B 140 -1.55 -6.40 27.11
CA ILE B 140 -0.71 -6.38 28.31
C ILE B 140 -1.47 -5.61 29.37
N LEU B 141 -1.88 -6.30 30.43
CA LEU B 141 -2.71 -5.73 31.47
C LEU B 141 -1.82 -5.25 32.61
N PHE B 142 -1.93 -3.97 32.94
CA PHE B 142 -1.17 -3.36 34.03
C PHE B 142 -2.16 -2.90 35.09
N LEU B 143 -2.33 -3.72 36.12
CA LEU B 143 -3.11 -3.32 37.28
C LEU B 143 -2.27 -2.33 38.08
N ASN B 144 -2.49 -1.04 37.81
CA ASN B 144 -1.49 -0.01 38.10
C ASN B 144 -1.33 0.23 39.59
N LYS B 145 -2.34 -0.09 40.40
CA LYS B 145 -2.30 0.19 41.83
C LYS B 145 -1.88 -1.06 42.58
N GLN B 146 -0.74 -0.97 43.27
CA GLN B 146 -0.25 -2.03 44.15
C GLN B 146 -0.18 -1.59 45.60
N ASP B 147 0.48 -0.47 45.89
CA ASP B 147 0.54 0.05 47.25
C ASP B 147 -0.83 0.56 47.68
N LEU B 148 -1.50 1.33 46.82
CA LEU B 148 -2.81 1.87 47.17
C LEU B 148 -3.81 0.74 47.41
N LEU B 149 -3.71 -0.34 46.63
CA LEU B 149 -4.54 -1.51 46.89
C LEU B 149 -4.28 -2.06 48.29
N ALA B 150 -3.01 -2.12 48.69
CA ALA B 150 -2.66 -2.64 50.01
C ALA B 150 -3.24 -1.75 51.11
N GLU B 151 -3.10 -0.43 50.98
CA GLU B 151 -3.67 0.46 51.99
C GLU B 151 -5.18 0.35 52.05
N LYS B 152 -5.84 0.27 50.89
CA LYS B 152 -7.30 0.17 50.88
C LYS B 152 -7.77 -1.12 51.53
N VAL B 153 -7.08 -2.23 51.27
CA VAL B 153 -7.49 -3.50 51.85
C VAL B 153 -7.21 -3.52 53.35
N LEU B 154 -6.03 -3.06 53.77
CA LEU B 154 -5.66 -3.13 55.18
C LEU B 154 -6.47 -2.15 56.03
N ALA B 155 -6.89 -1.03 55.45
CA ALA B 155 -7.67 -0.06 56.21
C ALA B 155 -9.00 -0.65 56.66
N GLY B 156 -9.67 -1.38 55.77
CA GLY B 156 -10.95 -1.99 56.09
C GLY B 156 -12.13 -1.06 56.01
N LYS B 157 -11.94 0.20 55.63
CA LYS B 157 -13.06 1.13 55.51
C LYS B 157 -14.01 0.70 54.39
N SER B 158 -13.47 0.25 53.27
CA SER B 158 -14.26 -0.18 52.12
C SER B 158 -14.25 -1.70 52.05
N LYS B 159 -15.44 -2.30 51.97
CA LYS B 159 -15.58 -3.74 51.89
C LYS B 159 -15.50 -4.15 50.42
N ILE B 160 -14.42 -4.83 50.04
CA ILE B 160 -14.25 -5.28 48.66
C ILE B 160 -15.32 -6.30 48.29
N GLU B 161 -15.72 -7.14 49.25
CA GLU B 161 -16.74 -8.16 48.99
C GLU B 161 -18.11 -7.54 48.70
N ASP B 162 -18.35 -6.30 49.14
CA ASP B 162 -19.63 -5.67 48.85
C ASP B 162 -19.82 -5.44 47.36
N TYR B 163 -18.81 -4.87 46.70
CA TYR B 163 -18.89 -4.66 45.25
C TYR B 163 -18.88 -5.99 44.50
N PHE B 164 -18.05 -6.94 44.94
CA PHE B 164 -17.93 -8.24 44.29
C PHE B 164 -18.32 -9.33 45.28
N PRO B 165 -19.55 -9.84 45.24
CA PRO B 165 -19.97 -10.88 46.19
C PRO B 165 -19.36 -12.25 45.93
N GLU B 166 -18.43 -12.38 44.99
CA GLU B 166 -17.85 -13.67 44.65
C GLU B 166 -16.73 -14.08 45.59
N PHE B 167 -16.41 -13.27 46.60
CA PHE B 167 -15.33 -13.61 47.52
C PHE B 167 -15.65 -14.84 48.35
N ALA B 168 -16.92 -15.05 48.70
CA ALA B 168 -17.29 -16.22 49.49
C ALA B 168 -16.97 -17.51 48.73
N ARG B 169 -17.25 -17.53 47.44
CA ARG B 169 -16.97 -18.70 46.61
C ARG B 169 -15.56 -18.72 46.06
N TYR B 170 -14.77 -17.68 46.29
CA TYR B 170 -13.40 -17.59 45.78
C TYR B 170 -12.42 -17.84 46.90
N THR B 171 -11.48 -18.76 46.67
CA THR B 171 -10.39 -19.04 47.59
C THR B 171 -9.07 -18.94 46.85
N THR B 172 -8.04 -18.51 47.56
CA THR B 172 -6.72 -18.40 46.96
C THR B 172 -6.23 -19.79 46.56
N PRO B 173 -5.78 -19.98 45.32
CA PRO B 173 -5.32 -21.31 44.89
C PRO B 173 -4.05 -21.73 45.62
N GLU B 174 -3.81 -23.04 45.61
CA GLU B 174 -2.64 -23.59 46.28
C GLU B 174 -1.35 -23.05 45.67
N ASP B 175 -1.29 -22.98 44.35
CA ASP B 175 -0.10 -22.48 43.65
C ASP B 175 -0.17 -20.95 43.64
N ALA B 176 0.73 -20.32 44.39
CA ALA B 176 0.78 -18.87 44.48
C ALA B 176 2.21 -18.38 44.32
N THR B 177 2.35 -17.18 43.77
CA THR B 177 3.66 -16.59 43.56
C THR B 177 3.76 -15.28 44.34
N PRO B 178 3.46 -15.29 45.64
CA PRO B 178 3.55 -14.06 46.42
C PRO B 178 4.98 -13.60 46.61
N GLU B 179 5.14 -12.30 46.79
CA GLU B 179 6.45 -11.68 47.01
C GLU B 179 6.88 -11.92 48.45
N PRO B 180 8.08 -11.46 48.83
CA PRO B 180 8.52 -11.62 50.22
C PRO B 180 7.71 -10.77 51.18
N GLY B 181 7.58 -9.47 50.90
CA GLY B 181 6.86 -8.57 51.77
C GLY B 181 5.40 -8.38 51.40
N GLU B 182 4.58 -9.40 51.65
CA GLU B 182 3.17 -9.35 51.33
C GLU B 182 2.35 -9.94 52.47
N ASP B 183 1.08 -9.54 52.51
CA ASP B 183 0.12 -10.09 53.46
C ASP B 183 -0.85 -11.02 52.73
N PRO B 184 -1.26 -12.12 53.37
CA PRO B 184 -2.16 -13.07 52.67
C PRO B 184 -3.45 -12.44 52.20
N ARG B 185 -4.00 -11.49 52.95
CA ARG B 185 -5.26 -10.86 52.56
C ARG B 185 -5.06 -9.96 51.33
N VAL B 186 -3.99 -9.17 51.32
CA VAL B 186 -3.69 -8.33 50.16
C VAL B 186 -3.43 -9.17 48.93
N THR B 187 -2.67 -10.27 49.10
CA THR B 187 -2.41 -11.17 47.98
C THR B 187 -3.70 -11.79 47.47
N ARG B 188 -4.60 -12.17 48.39
CA ARG B 188 -5.88 -12.74 47.99
C ARG B 188 -6.68 -11.73 47.16
N ALA B 189 -6.73 -10.48 47.61
CA ALA B 189 -7.47 -9.45 46.85
C ALA B 189 -6.84 -9.23 45.48
N LYS B 190 -5.51 -9.13 45.42
CA LYS B 190 -4.84 -8.91 44.13
C LYS B 190 -5.10 -10.07 43.18
N TYR B 191 -5.01 -11.31 43.67
CA TYR B 191 -5.26 -12.46 42.82
C TYR B 191 -6.72 -12.55 42.42
N PHE B 192 -7.63 -12.10 43.29
CA PHE B 192 -9.04 -12.06 42.90
C PHE B 192 -9.27 -11.10 41.74
N ILE B 193 -8.66 -9.90 41.80
CA ILE B 193 -8.83 -8.95 40.72
C ILE B 193 -8.19 -9.45 39.43
N ARG B 194 -7.00 -10.05 39.54
CA ARG B 194 -6.34 -10.61 38.37
C ARG B 194 -7.18 -11.72 37.76
N LYS B 195 -7.77 -12.58 38.59
CA LYS B 195 -8.65 -13.62 38.08
C LYS B 195 -9.90 -13.04 37.44
N GLU B 196 -10.45 -11.98 38.04
CA GLU B 196 -11.63 -11.31 37.50
C GLU B 196 -11.36 -10.64 36.17
N PHE B 197 -10.10 -10.37 35.85
CA PHE B 197 -9.79 -9.92 34.49
C PHE B 197 -9.47 -11.08 33.56
N VAL B 198 -8.78 -12.12 34.05
CA VAL B 198 -8.38 -13.20 33.15
C VAL B 198 -9.54 -14.12 32.78
N ASP B 199 -10.62 -14.17 33.56
CA ASP B 199 -11.76 -14.98 33.11
C ASP B 199 -12.39 -14.34 31.89
N ILE B 200 -12.50 -13.01 31.89
CA ILE B 200 -12.94 -12.29 30.70
C ILE B 200 -11.95 -12.49 29.56
N SER B 201 -10.66 -12.48 29.88
CA SER B 201 -9.64 -12.68 28.85
C SER B 201 -9.78 -14.04 28.18
N THR B 202 -10.00 -15.09 28.97
CA THR B 202 -10.03 -16.47 28.47
C THR B 202 -11.42 -16.94 28.06
N ALA B 203 -12.46 -16.14 28.29
CA ALA B 203 -13.81 -16.58 27.95
C ALA B 203 -13.99 -16.76 26.45
N SER B 204 -13.63 -15.73 25.67
CA SER B 204 -13.74 -15.79 24.21
C SER B 204 -12.46 -15.21 23.62
N GLY B 205 -11.46 -16.06 23.45
CA GLY B 205 -10.22 -15.65 22.84
C GLY B 205 -9.84 -16.50 21.64
N ASP B 206 -10.32 -17.73 21.62
CA ASP B 206 -10.06 -18.73 20.58
C ASP B 206 -8.57 -19.01 20.39
N GLY B 207 -7.72 -18.57 21.31
CA GLY B 207 -6.30 -18.79 21.21
C GLY B 207 -5.57 -17.85 20.28
N ARG B 208 -6.27 -16.91 19.63
CA ARG B 208 -5.63 -15.99 18.72
C ARG B 208 -4.87 -14.88 19.42
N HIS B 209 -5.19 -14.62 20.69
CA HIS B 209 -4.47 -13.62 21.46
C HIS B 209 -4.64 -13.95 22.94
N ILE B 210 -3.70 -13.48 23.75
CA ILE B 210 -3.64 -13.78 25.16
C ILE B 210 -3.38 -12.50 25.94
N CYS B 211 -4.11 -12.32 27.03
CA CYS B 211 -3.89 -11.19 27.93
C CYS B 211 -2.72 -11.48 28.84
N TYR B 212 -1.91 -10.45 29.10
CA TYR B 212 -0.72 -10.55 29.95
C TYR B 212 -0.93 -9.68 31.18
N PRO B 213 -1.44 -10.24 32.28
CA PRO B 213 -1.68 -9.44 33.47
C PRO B 213 -0.39 -9.16 34.24
N HIS B 214 -0.29 -7.94 34.75
CA HIS B 214 0.86 -7.52 35.54
C HIS B 214 0.37 -6.70 36.73
N PHE B 215 1.30 -6.41 37.63
CA PHE B 215 1.02 -5.57 38.79
C PHE B 215 2.15 -4.56 38.94
N THR B 216 1.79 -3.27 38.94
CA THR B 216 2.76 -2.20 39.13
C THR B 216 2.37 -1.40 40.36
N CYS B 217 3.36 -0.72 40.95
CA CYS B 217 3.14 0.10 42.14
C CYS B 217 3.14 1.59 41.83
N ALA B 218 3.08 1.97 40.55
CA ALA B 218 3.16 3.35 40.08
C ALA B 218 4.47 4.02 40.43
N VAL B 219 5.45 3.28 40.95
CA VAL B 219 6.77 3.80 41.24
C VAL B 219 7.81 2.83 40.69
N ASP B 220 7.35 1.65 40.28
CA ASP B 220 8.25 0.64 39.76
C ASP B 220 8.86 1.09 38.43
N THR B 221 10.19 0.96 38.32
CA THR B 221 10.89 1.34 37.11
C THR B 221 11.10 0.19 36.15
N GLU B 222 10.77 -1.04 36.55
CA GLU B 222 10.91 -2.21 35.68
C GLU B 222 9.62 -2.48 34.91
N ASN B 223 9.10 -1.45 34.24
CA ASN B 223 7.86 -1.57 33.48
C ASN B 223 8.09 -1.67 31.98
N ALA B 224 9.11 -1.00 31.45
CA ALA B 224 9.44 -1.17 30.04
C ALA B 224 10.00 -2.56 29.77
N ARG B 225 10.72 -3.14 30.74
CA ARG B 225 11.21 -4.51 30.59
C ARG B 225 10.06 -5.50 30.53
N ARG B 226 9.02 -5.28 31.34
CA ARG B 226 7.85 -6.15 31.29
C ARG B 226 7.16 -6.10 29.94
N ILE B 227 6.98 -4.89 29.40
CA ILE B 227 6.41 -4.74 28.07
C ILE B 227 7.30 -5.39 27.02
N PHE B 228 8.61 -5.26 27.18
CA PHE B 228 9.54 -5.85 26.22
C PHE B 228 9.42 -7.38 26.22
N ASN B 229 9.39 -7.98 27.41
CA ASN B 229 9.24 -9.44 27.50
C ASN B 229 7.91 -9.90 26.94
N ASP B 230 6.82 -9.19 27.27
CA ASP B 230 5.51 -9.57 26.76
C ASP B 230 5.44 -9.44 25.25
N CYS B 231 6.04 -8.39 24.70
CA CYS B 231 6.05 -8.21 23.24
C CYS B 231 6.92 -9.25 22.56
N LYS B 232 8.03 -9.64 23.19
CA LYS B 232 8.84 -10.73 22.63
C LYS B 232 8.04 -12.03 22.61
N ASP B 233 7.28 -12.30 23.67
CA ASP B 233 6.43 -13.49 23.68
C ASP B 233 5.32 -13.38 22.62
N ILE B 234 4.76 -12.18 22.44
CA ILE B 234 3.73 -11.97 21.43
C ILE B 234 4.28 -12.25 20.04
N ILE B 235 5.48 -11.74 19.76
CA ILE B 235 6.10 -11.93 18.46
C ILE B 235 6.45 -13.40 18.25
N LEU B 236 6.90 -14.08 19.31
CA LEU B 236 7.15 -15.51 19.20
C LEU B 236 5.87 -16.27 18.89
N GLN B 237 4.76 -15.88 19.52
CA GLN B 237 3.48 -16.54 19.25
C GLN B 237 3.04 -16.30 17.81
N MET B 238 3.21 -15.08 17.29
CA MET B 238 2.87 -14.83 15.89
C MET B 238 3.74 -15.66 14.96
N ASN B 239 5.04 -15.75 15.25
CA ASN B 239 5.94 -16.55 14.43
C ASN B 239 5.53 -18.02 14.44
N LEU B 240 5.18 -18.55 15.62
CA LEU B 240 4.70 -19.93 15.69
C LEU B 240 3.38 -20.10 14.94
N ARG B 241 2.49 -19.11 15.03
CA ARG B 241 1.17 -19.26 14.45
C ARG B 241 1.22 -19.27 12.93
N GLU B 242 1.94 -18.33 12.32
CA GLU B 242 1.91 -18.23 10.87
C GLU B 242 3.05 -19.00 10.20
N TYR B 243 3.84 -19.76 10.96
CA TYR B 243 4.84 -20.66 10.39
C TYR B 243 4.45 -22.13 10.59
N ASN B 244 3.16 -22.40 10.75
CA ASN B 244 2.54 -23.72 10.86
C ASN B 244 2.77 -24.40 12.20
N LEU B 245 3.55 -23.80 13.11
CA LEU B 245 3.76 -24.43 14.41
C LEU B 245 2.50 -24.39 15.27
N VAL B 246 1.69 -23.35 15.12
CA VAL B 246 0.45 -23.22 15.88
C VAL B 246 -0.72 -22.98 14.95
N GLU C 3 -42.72 22.55 29.85
CA GLU C 3 -41.28 22.53 30.06
C GLU C 3 -40.61 21.49 29.17
N LEU C 4 -39.77 20.65 29.78
CA LEU C 4 -39.08 19.60 29.02
C LEU C 4 -40.07 18.60 28.45
N ASP C 5 -41.08 18.22 29.25
CA ASP C 5 -42.08 17.27 28.77
C ASP C 5 -42.87 17.84 27.59
N GLN C 6 -43.23 19.13 27.65
CA GLN C 6 -43.94 19.75 26.54
C GLN C 6 -43.09 19.77 25.29
N LEU C 7 -41.80 20.09 25.42
CA LEU C 7 -40.91 20.10 24.26
C LEU C 7 -40.76 18.71 23.68
N ARG C 8 -40.64 17.69 24.54
CA ARG C 8 -40.54 16.32 24.05
C ARG C 8 -41.80 15.90 23.31
N GLN C 9 -42.97 16.25 23.86
CA GLN C 9 -44.23 15.93 23.19
C GLN C 9 -44.34 16.63 21.85
N GLU C 10 -43.92 17.90 21.79
CA GLU C 10 -43.96 18.63 20.53
C GLU C 10 -43.03 18.00 19.50
N ALA C 11 -41.83 17.59 19.94
CA ALA C 11 -40.90 16.94 19.02
C ALA C 11 -41.46 15.61 18.52
N GLU C 12 -42.08 14.83 19.41
CA GLU C 12 -42.68 13.57 18.99
C GLU C 12 -43.80 13.79 17.99
N GLN C 13 -44.65 14.80 18.25
CA GLN C 13 -45.74 15.11 17.32
C GLN C 13 -45.19 15.56 15.96
N LEU C 14 -44.13 16.38 15.97
CA LEU C 14 -43.54 16.82 14.72
C LEU C 14 -42.93 15.65 13.95
N LYS C 15 -42.28 14.73 14.66
CA LYS C 15 -41.73 13.55 13.99
C LYS C 15 -42.83 12.69 13.40
N ASN C 16 -43.94 12.52 14.14
CA ASN C 16 -45.06 11.74 13.61
C ASN C 16 -45.66 12.42 12.39
N GLN C 17 -45.78 13.75 12.41
CA GLN C 17 -46.31 14.48 11.25
C GLN C 17 -45.38 14.33 10.05
N ILE C 18 -44.06 14.39 10.28
CA ILE C 18 -43.10 14.22 9.19
C ILE C 18 -43.23 12.82 8.60
N ARG C 19 -43.35 11.80 9.46
CA ARG C 19 -43.50 10.44 8.98
C ARG C 19 -44.80 10.28 8.19
N ASP C 20 -45.88 10.90 8.65
CA ASP C 20 -47.14 10.83 7.92
C ASP C 20 -47.04 11.51 6.57
N ALA C 21 -46.37 12.66 6.51
CA ALA C 21 -46.18 13.36 5.24
C ALA C 21 -45.34 12.52 4.28
N ARG C 22 -44.29 11.86 4.78
CA ARG C 22 -43.49 10.98 3.95
C ARG C 22 -44.33 9.80 3.43
N LYS C 23 -45.16 9.22 4.31
CA LYS C 23 -45.98 8.09 3.90
C LYS C 23 -47.01 8.50 2.84
N ALA C 24 -47.59 9.70 2.98
CA ALA C 24 -48.57 10.15 2.00
C ALA C 24 -47.95 10.39 0.63
N CYS C 25 -46.67 10.76 0.59
CA CYS C 25 -45.97 10.99 -0.68
C CYS C 25 -45.46 9.69 -1.31
N ALA C 26 -45.61 8.56 -0.64
CA ALA C 26 -45.19 7.27 -1.17
C ALA C 26 -46.40 6.56 -1.77
N ASP C 27 -46.34 6.31 -3.07
CA ASP C 27 -47.41 5.62 -3.78
C ASP C 27 -46.92 4.42 -4.56
N ALA C 28 -45.70 4.47 -5.09
CA ALA C 28 -45.12 3.34 -5.80
C ALA C 28 -43.61 3.38 -5.65
N THR C 29 -43.03 2.26 -5.22
CA THR C 29 -41.59 2.17 -5.07
C THR C 29 -40.91 2.13 -6.43
N LEU C 30 -39.62 2.48 -6.43
CA LEU C 30 -38.85 2.44 -7.68
C LEU C 30 -38.74 1.01 -8.21
N SER C 31 -38.83 0.01 -7.33
CA SER C 31 -38.78 -1.37 -7.78
C SER C 31 -39.95 -1.70 -8.69
N GLN C 32 -41.16 -1.29 -8.31
CA GLN C 32 -42.33 -1.55 -9.15
C GLN C 32 -42.21 -0.82 -10.48
N ILE C 33 -41.72 0.41 -10.46
CA ILE C 33 -41.60 1.20 -11.69
C ILE C 33 -40.58 0.55 -12.63
N THR C 34 -39.46 0.09 -12.10
CA THR C 34 -38.38 -0.44 -12.92
C THR C 34 -38.45 -1.94 -13.12
N ASN C 35 -39.49 -2.60 -12.60
CA ASN C 35 -39.67 -4.02 -12.89
C ASN C 35 -39.78 -4.30 -14.39
N ASN C 36 -40.39 -3.39 -15.14
CA ASN C 36 -40.48 -3.53 -16.60
C ASN C 36 -39.32 -2.82 -17.30
N ILE C 37 -38.10 -3.14 -16.88
CA ILE C 37 -36.89 -2.57 -17.45
C ILE C 37 -35.85 -3.67 -17.58
N ASP C 38 -35.15 -3.70 -18.71
CA ASP C 38 -34.16 -4.73 -18.95
C ASP C 38 -33.04 -4.63 -17.91
N PRO C 39 -32.66 -5.71 -17.26
CA PRO C 39 -31.62 -5.64 -16.23
C PRO C 39 -30.25 -5.38 -16.84
N VAL C 40 -29.32 -4.97 -15.96
CA VAL C 40 -27.96 -4.69 -16.39
C VAL C 40 -27.25 -5.95 -16.83
N GLY C 41 -27.72 -7.11 -16.39
CA GLY C 41 -27.07 -8.36 -16.74
C GLY C 41 -25.94 -8.71 -15.78
N ARG C 42 -24.81 -9.16 -16.34
CA ARG C 42 -23.62 -9.46 -15.56
C ARG C 42 -22.53 -8.49 -15.95
N ILE C 43 -21.93 -7.83 -14.96
CA ILE C 43 -20.88 -6.86 -15.18
C ILE C 43 -19.58 -7.48 -14.71
N GLN C 44 -18.65 -7.70 -15.64
CA GLN C 44 -17.37 -8.33 -15.35
C GLN C 44 -16.27 -7.30 -15.53
N MET C 45 -15.96 -6.56 -14.47
CA MET C 45 -14.79 -5.68 -14.46
C MET C 45 -13.55 -6.50 -14.16
N ARG C 46 -12.49 -6.27 -14.92
CA ARG C 46 -11.20 -6.92 -14.71
C ARG C 46 -10.19 -5.88 -14.24
N THR C 47 -9.25 -6.32 -13.40
CA THR C 47 -8.24 -5.44 -12.87
C THR C 47 -7.15 -5.22 -13.92
N ARG C 48 -6.95 -3.96 -14.29
CA ARG C 48 -5.97 -3.58 -15.30
C ARG C 48 -4.65 -3.08 -14.72
N ARG C 49 -4.70 -2.37 -13.60
CA ARG C 49 -3.50 -1.84 -12.96
C ARG C 49 -3.52 -2.19 -11.49
N THR C 50 -2.33 -2.47 -10.95
CA THR C 50 -2.15 -2.70 -9.53
C THR C 50 -1.08 -1.74 -9.03
N LEU C 51 -1.43 -0.93 -8.03
CA LEU C 51 -0.56 0.13 -7.54
C LEU C 51 0.12 -0.37 -6.26
N ARG C 52 1.34 -0.85 -6.42
CA ARG C 52 2.15 -1.29 -5.29
C ARG C 52 3.14 -0.21 -4.90
N GLY C 53 3.43 -0.13 -3.61
CA GLY C 53 4.30 0.90 -3.08
C GLY C 53 3.89 1.37 -1.71
N HIS C 54 2.68 0.99 -1.30
CA HIS C 54 2.19 1.27 0.05
C HIS C 54 2.56 0.10 0.95
N LEU C 55 3.14 0.39 2.11
CA LEU C 55 3.61 -0.63 3.03
C LEU C 55 2.66 -0.87 4.18
N ALA C 56 1.48 -0.26 4.18
CA ALA C 56 0.50 -0.44 5.23
C ALA C 56 -0.90 -0.33 4.64
N LYS C 57 -1.90 -0.60 5.49
CA LYS C 57 -3.27 -0.60 5.04
C LYS C 57 -3.64 0.75 4.44
N ILE C 58 -4.20 0.73 3.23
CA ILE C 58 -4.65 1.94 2.56
C ILE C 58 -6.02 2.32 3.12
N TYR C 59 -6.15 3.55 3.61
CA TYR C 59 -7.38 3.96 4.26
C TYR C 59 -8.24 4.90 3.42
N ALA C 60 -7.68 5.56 2.41
CA ALA C 60 -8.45 6.47 1.59
C ALA C 60 -7.75 6.68 0.26
N MET C 61 -8.53 7.13 -0.71
CA MET C 61 -8.00 7.52 -2.02
C MET C 61 -8.99 8.50 -2.65
N HIS C 62 -8.51 9.22 -3.66
CA HIS C 62 -9.37 10.14 -4.40
C HIS C 62 -8.83 10.33 -5.80
N TRP C 63 -9.68 10.12 -6.79
CA TRP C 63 -9.33 10.36 -8.18
C TRP C 63 -9.18 11.85 -8.44
N GLY C 64 -8.32 12.20 -9.39
CA GLY C 64 -8.25 13.55 -9.88
C GLY C 64 -9.33 13.83 -10.90
N THR C 65 -9.59 15.12 -11.12
CA THR C 65 -10.61 15.52 -12.09
C THR C 65 -10.21 15.16 -13.50
N ASP C 66 -8.90 15.06 -13.78
CA ASP C 66 -8.43 14.60 -15.07
C ASP C 66 -8.52 13.08 -15.22
N SER C 67 -8.87 12.37 -14.14
CA SER C 67 -9.11 10.93 -14.17
C SER C 67 -7.86 10.15 -14.56
N ARG C 68 -6.69 10.70 -14.30
CA ARG C 68 -5.45 9.97 -14.51
C ARG C 68 -4.59 9.92 -13.26
N LEU C 69 -4.53 11.01 -12.49
CA LEU C 69 -3.81 11.03 -11.23
C LEU C 69 -4.75 10.70 -10.09
N LEU C 70 -4.27 9.90 -9.15
CA LEU C 70 -5.06 9.55 -7.98
C LEU C 70 -4.19 9.62 -6.73
N VAL C 71 -4.73 10.19 -5.67
CA VAL C 71 -4.02 10.29 -4.40
C VAL C 71 -4.44 9.13 -3.52
N SER C 72 -3.54 8.72 -2.61
CA SER C 72 -3.82 7.62 -1.69
C SER C 72 -3.07 7.86 -0.40
N ALA C 73 -3.68 7.43 0.71
CA ALA C 73 -3.08 7.49 2.03
C ALA C 73 -3.14 6.12 2.67
N SER C 74 -2.05 5.73 3.33
CA SER C 74 -1.98 4.48 4.06
C SER C 74 -1.48 4.75 5.47
N GLN C 75 -1.50 3.70 6.29
CA GLN C 75 -1.11 3.82 7.69
C GLN C 75 0.39 4.02 7.86
N ASP C 76 1.18 3.88 6.81
CA ASP C 76 2.62 4.11 6.89
C ASP C 76 2.97 5.59 6.86
N GLY C 77 2.00 6.48 6.91
CA GLY C 77 2.25 7.91 6.94
C GLY C 77 2.83 8.48 5.66
N LYS C 78 2.36 8.00 4.51
CA LYS C 78 2.80 8.51 3.22
C LYS C 78 1.59 8.78 2.35
N LEU C 79 1.55 9.98 1.77
CA LEU C 79 0.53 10.35 0.79
C LEU C 79 1.14 10.25 -0.60
N ILE C 80 0.57 9.40 -1.44
CA ILE C 80 1.16 9.02 -2.72
C ILE C 80 0.21 9.40 -3.84
N ILE C 81 0.73 10.15 -4.82
CA ILE C 81 -0.01 10.51 -6.03
C ILE C 81 0.50 9.62 -7.15
N TRP C 82 -0.40 8.79 -7.68
CA TRP C 82 -0.11 7.83 -8.74
C TRP C 82 -0.61 8.34 -10.08
N ASP C 83 0.13 8.00 -11.13
CA ASP C 83 -0.36 8.09 -12.50
C ASP C 83 -0.96 6.74 -12.85
N SER C 84 -2.29 6.69 -12.98
CA SER C 84 -2.98 5.41 -13.10
C SER C 84 -2.65 4.71 -14.42
N TYR C 85 -2.47 5.48 -15.49
CA TYR C 85 -2.25 4.87 -16.80
C TYR C 85 -0.94 4.07 -16.83
N THR C 86 0.12 4.61 -16.25
CA THR C 86 1.44 4.00 -16.31
C THR C 86 1.87 3.39 -14.99
N THR C 87 1.05 3.46 -13.95
CA THR C 87 1.39 3.06 -12.57
C THR C 87 2.61 3.80 -12.04
N ASN C 88 3.01 4.89 -12.70
CA ASN C 88 4.14 5.68 -12.23
C ASN C 88 3.74 6.50 -11.00
N LYS C 89 4.67 6.63 -10.07
CA LYS C 89 4.41 7.35 -8.84
C LYS C 89 4.82 8.81 -9.05
N VAL C 90 3.82 9.64 -9.34
CA VAL C 90 4.09 11.06 -9.58
C VAL C 90 4.67 11.70 -8.32
N HIS C 91 4.06 11.44 -7.17
CA HIS C 91 4.50 12.04 -5.93
C HIS C 91 4.39 11.02 -4.80
N ALA C 92 5.20 11.22 -3.76
CA ALA C 92 5.06 10.44 -2.54
C ALA C 92 5.70 11.24 -1.41
N ILE C 93 4.90 11.80 -0.53
CA ILE C 93 5.45 12.66 0.52
C ILE C 93 5.03 12.17 1.91
N PRO C 94 5.88 12.36 2.91
CA PRO C 94 5.55 11.92 4.26
C PRO C 94 4.61 12.91 4.95
N LEU C 95 3.87 12.38 5.93
CA LEU C 95 2.94 13.15 6.72
C LEU C 95 3.43 13.25 8.16
N ARG C 96 3.02 14.32 8.84
CA ARG C 96 3.43 14.53 10.22
C ARG C 96 2.90 13.41 11.12
N SER C 97 1.67 12.97 10.89
CA SER C 97 1.06 11.89 11.64
C SER C 97 0.80 10.71 10.72
N SER C 98 1.20 9.52 11.16
CA SER C 98 0.98 8.30 10.38
C SER C 98 -0.47 7.85 10.38
N TRP C 99 -1.30 8.40 11.28
CA TRP C 99 -2.70 8.01 11.39
C TRP C 99 -3.53 8.94 10.51
N VAL C 100 -3.74 8.51 9.27
CA VAL C 100 -4.49 9.28 8.29
C VAL C 100 -5.59 8.40 7.73
N MET C 101 -6.82 8.92 7.72
CA MET C 101 -7.99 8.14 7.32
C MET C 101 -8.88 8.89 6.33
N THR C 102 -8.35 9.87 5.62
CA THR C 102 -9.12 10.55 4.59
C THR C 102 -8.17 11.15 3.57
N CYS C 103 -8.64 11.20 2.32
CA CYS C 103 -7.91 11.81 1.21
C CYS C 103 -8.83 12.75 0.44
N ALA C 104 -8.25 13.81 -0.09
CA ALA C 104 -8.97 14.73 -0.96
C ALA C 104 -8.03 15.21 -2.05
N TYR C 105 -8.55 15.30 -3.27
CA TYR C 105 -7.83 15.83 -4.42
C TYR C 105 -8.55 17.09 -4.88
N ALA C 106 -7.81 18.19 -4.99
CA ALA C 106 -8.42 19.44 -5.42
C ALA C 106 -8.94 19.29 -6.85
N PRO C 107 -10.08 19.90 -7.18
CA PRO C 107 -10.60 19.79 -8.55
C PRO C 107 -9.63 20.32 -9.59
N SER C 108 -8.87 21.37 -9.26
CA SER C 108 -7.85 21.86 -10.18
C SER C 108 -6.63 20.94 -10.21
N GLY C 109 -6.40 20.16 -9.15
CA GLY C 109 -5.24 19.32 -9.06
C GLY C 109 -4.02 19.99 -8.45
N ASN C 110 -4.10 21.26 -8.10
CA ASN C 110 -2.97 21.98 -7.52
C ASN C 110 -2.72 21.59 -6.07
N TYR C 111 -3.72 21.02 -5.39
CA TYR C 111 -3.64 20.75 -3.96
C TYR C 111 -4.13 19.34 -3.66
N VAL C 112 -3.68 18.82 -2.52
CA VAL C 112 -4.24 17.61 -1.94
C VAL C 112 -4.52 17.88 -0.48
N ALA C 113 -5.35 17.04 0.12
CA ALA C 113 -5.69 17.17 1.53
C ALA C 113 -5.59 15.82 2.23
N CYS C 114 -5.32 15.88 3.52
CA CYS C 114 -5.24 14.67 4.34
C CYS C 114 -5.69 15.01 5.75
N GLY C 115 -6.04 13.98 6.50
CA GLY C 115 -6.45 14.16 7.88
C GLY C 115 -6.66 12.82 8.53
N GLY C 116 -6.85 12.86 9.85
CA GLY C 116 -7.06 11.64 10.60
C GLY C 116 -7.12 11.84 12.09
N LEU C 117 -6.40 10.99 12.83
CA LEU C 117 -6.45 11.03 14.29
C LEU C 117 -5.73 12.23 14.88
N ASP C 118 -5.05 13.03 14.07
CA ASP C 118 -4.40 14.24 14.55
C ASP C 118 -5.35 15.43 14.65
N ASN C 119 -6.61 15.28 14.22
CA ASN C 119 -7.63 16.32 14.27
C ASN C 119 -7.23 17.56 13.48
N ILE C 120 -6.31 17.42 12.53
CA ILE C 120 -5.83 18.54 11.72
C ILE C 120 -5.92 18.14 10.26
N CYS C 121 -6.51 19.01 9.44
CA CYS C 121 -6.58 18.79 8.01
C CYS C 121 -5.39 19.48 7.35
N SER C 122 -4.50 18.69 6.77
CA SER C 122 -3.30 19.21 6.13
C SER C 122 -3.55 19.35 4.63
N ILE C 123 -3.40 20.57 4.12
CA ILE C 123 -3.51 20.87 2.70
C ILE C 123 -2.11 21.05 2.17
N TYR C 124 -1.73 20.19 1.21
CA TYR C 124 -0.42 20.17 0.60
C TYR C 124 -0.50 20.76 -0.81
N ASN C 125 0.47 21.60 -1.14
CA ASN C 125 0.55 22.23 -2.46
C ASN C 125 1.40 21.35 -3.37
N LEU C 126 0.78 20.81 -4.43
CA LEU C 126 1.49 19.95 -5.36
C LEU C 126 2.26 20.77 -6.39
N LYS C 127 1.56 21.59 -7.18
CA LYS C 127 2.18 22.38 -8.22
C LYS C 127 2.76 23.64 -7.61
N THR C 128 4.05 23.58 -7.29
CA THR C 128 4.77 24.72 -6.73
C THR C 128 6.17 24.73 -7.32
N ARG C 129 6.98 25.69 -6.87
CA ARG C 129 8.38 25.73 -7.24
C ARG C 129 9.14 24.74 -6.35
N GLU C 130 10.48 24.83 -6.37
CA GLU C 130 11.40 23.98 -5.60
C GLU C 130 11.05 22.49 -5.69
N GLY C 131 10.36 22.08 -6.76
CA GLY C 131 10.16 20.70 -7.12
C GLY C 131 9.75 19.71 -6.05
N ASN C 132 9.19 20.19 -4.94
CA ASN C 132 8.71 19.32 -3.89
C ASN C 132 7.40 19.88 -3.34
N VAL C 133 6.56 18.98 -2.85
CA VAL C 133 5.28 19.38 -2.28
C VAL C 133 5.48 19.63 -0.79
N ARG C 134 4.86 20.70 -0.29
CA ARG C 134 4.97 21.08 1.11
C ARG C 134 3.57 21.40 1.62
N VAL C 135 3.38 21.24 2.93
CA VAL C 135 2.08 21.52 3.51
C VAL C 135 1.78 23.01 3.37
N SER C 136 0.73 23.31 2.61
CA SER C 136 0.33 24.70 2.41
C SER C 136 -0.47 25.25 3.58
N ARG C 137 -1.27 24.42 4.23
CA ARG C 137 -2.11 24.90 5.32
C ARG C 137 -2.38 23.76 6.30
N GLU C 138 -2.55 24.13 7.57
CA GLU C 138 -2.92 23.21 8.63
C GLU C 138 -4.20 23.73 9.28
N LEU C 139 -5.34 23.15 8.91
CA LEU C 139 -6.63 23.57 9.42
C LEU C 139 -6.93 22.80 10.71
N ALA C 140 -7.05 23.53 11.82
CA ALA C 140 -7.32 22.95 13.12
C ALA C 140 -8.55 23.61 13.73
N GLY C 141 -9.23 22.85 14.59
CA GLY C 141 -10.46 23.33 15.20
C GLY C 141 -11.48 22.24 15.42
N HIS C 142 -11.24 21.06 14.83
CA HIS C 142 -12.07 19.90 15.09
C HIS C 142 -11.62 19.22 16.38
N THR C 143 -12.56 18.94 17.27
CA THR C 143 -12.23 18.30 18.53
C THR C 143 -12.12 16.79 18.40
N GLY C 144 -12.48 16.22 17.26
CA GLY C 144 -12.38 14.80 17.01
C GLY C 144 -11.64 14.50 15.72
N TYR C 145 -11.42 13.20 15.50
CA TYR C 145 -10.70 12.75 14.31
C TYR C 145 -11.48 13.10 13.05
N LEU C 146 -10.76 13.33 11.96
CA LEU C 146 -11.35 13.70 10.69
C LEU C 146 -11.62 12.45 9.87
N SER C 147 -12.89 12.23 9.51
CA SER C 147 -13.27 11.03 8.77
C SER C 147 -13.35 11.25 7.27
N CYS C 148 -13.61 12.48 6.83
CA CYS C 148 -13.67 12.78 5.40
C CYS C 148 -13.37 14.26 5.21
N CYS C 149 -12.85 14.58 4.03
CA CYS C 149 -12.60 15.97 3.65
C CYS C 149 -12.77 16.08 2.15
N ARG C 150 -13.44 17.14 1.70
CA ARG C 150 -13.73 17.34 0.29
C ARG C 150 -13.47 18.78 -0.08
N PHE C 151 -12.94 18.99 -1.29
CA PHE C 151 -12.60 20.32 -1.78
C PHE C 151 -13.80 20.92 -2.50
N LEU C 152 -14.37 21.98 -1.93
CA LEU C 152 -15.36 22.75 -2.66
C LEU C 152 -14.72 23.45 -3.86
N ASP C 153 -13.58 24.08 -3.64
CA ASP C 153 -12.78 24.69 -4.70
C ASP C 153 -11.35 24.78 -4.19
N ASP C 154 -10.52 25.56 -4.90
CA ASP C 154 -9.12 25.70 -4.51
C ASP C 154 -8.95 26.43 -3.18
N ASN C 155 -10.01 27.06 -2.66
CA ASN C 155 -9.91 27.86 -1.45
C ASN C 155 -10.84 27.40 -0.33
N GLN C 156 -11.86 26.60 -0.63
CA GLN C 156 -12.82 26.13 0.36
C GLN C 156 -12.72 24.62 0.51
N ILE C 157 -12.94 24.13 1.72
CA ILE C 157 -12.89 22.70 1.99
C ILE C 157 -13.90 22.34 3.08
N VAL C 158 -14.65 21.27 2.87
CA VAL C 158 -15.63 20.77 3.83
C VAL C 158 -15.08 19.49 4.43
N THR C 159 -14.91 19.48 5.76
CA THR C 159 -14.33 18.37 6.48
C THR C 159 -15.27 17.92 7.59
N SER C 160 -15.54 16.62 7.65
CA SER C 160 -16.39 16.04 8.69
C SER C 160 -15.52 15.32 9.72
N SER C 161 -15.85 15.49 11.00
CA SER C 161 -15.04 14.95 12.06
C SER C 161 -15.87 14.04 12.96
N GLY C 162 -15.19 13.40 13.91
CA GLY C 162 -15.81 12.58 14.91
C GLY C 162 -16.34 13.35 16.11
N ASP C 163 -16.25 14.67 16.07
CA ASP C 163 -16.82 15.55 17.08
C ASP C 163 -18.33 15.72 16.85
N THR C 164 -18.90 14.90 15.96
CA THR C 164 -20.29 15.01 15.52
C THR C 164 -20.56 16.36 14.87
N THR C 165 -19.66 16.73 13.95
CA THR C 165 -19.79 18.02 13.28
C THR C 165 -19.09 17.97 11.94
N CYS C 166 -19.43 18.95 11.10
CA CYS C 166 -18.73 19.22 9.86
C CYS C 166 -18.33 20.69 9.86
N ALA C 167 -17.32 21.03 9.06
CA ALA C 167 -16.82 22.39 9.04
C ALA C 167 -16.41 22.76 7.62
N LEU C 168 -16.88 23.93 7.18
CA LEU C 168 -16.45 24.53 5.93
C LEU C 168 -15.40 25.57 6.25
N TRP C 169 -14.18 25.35 5.75
CA TRP C 169 -13.02 26.20 5.99
C TRP C 169 -12.65 26.96 4.73
N ASP C 170 -12.25 28.21 4.89
CA ASP C 170 -11.54 28.94 3.86
C ASP C 170 -10.04 28.74 4.07
N ILE C 171 -9.38 28.12 3.09
CA ILE C 171 -7.99 27.72 3.27
C ILE C 171 -7.08 28.94 3.40
N GLU C 172 -7.37 30.00 2.65
CA GLU C 172 -6.53 31.19 2.71
C GLU C 172 -6.50 31.78 4.11
N THR C 173 -7.66 31.91 4.75
CA THR C 173 -7.71 32.39 6.12
C THR C 173 -7.32 31.28 7.10
N GLY C 174 -7.66 30.04 6.79
CA GLY C 174 -7.35 28.92 7.66
C GLY C 174 -8.31 28.72 8.80
N GLN C 175 -9.38 29.52 8.88
CA GLN C 175 -10.34 29.43 9.96
C GLN C 175 -11.67 28.91 9.44
N GLN C 176 -12.45 28.31 10.34
CA GLN C 176 -13.75 27.77 9.96
C GLN C 176 -14.69 28.87 9.51
N THR C 177 -15.19 28.76 8.29
CA THR C 177 -16.18 29.70 7.79
C THR C 177 -17.59 29.33 8.24
N THR C 178 -17.91 28.03 8.25
CA THR C 178 -19.21 27.57 8.70
C THR C 178 -19.06 26.28 9.50
N THR C 179 -19.93 26.08 10.48
CA THR C 179 -19.95 24.87 11.28
C THR C 179 -21.33 24.22 11.17
N PHE C 180 -21.36 22.98 10.71
CA PHE C 180 -22.59 22.22 10.56
C PHE C 180 -22.72 21.26 11.73
N THR C 181 -23.75 21.46 12.55
CA THR C 181 -23.98 20.65 13.74
C THR C 181 -25.41 20.12 13.71
N GLY C 182 -25.63 19.01 14.40
CA GLY C 182 -26.92 18.37 14.43
C GLY C 182 -26.83 16.86 14.49
N HIS C 183 -25.67 16.31 14.13
CA HIS C 183 -25.43 14.88 14.27
C HIS C 183 -25.17 14.54 15.74
N THR C 184 -25.71 13.41 16.18
CA THR C 184 -25.50 12.93 17.53
C THR C 184 -24.46 11.83 17.61
N GLY C 185 -23.74 11.58 16.51
CA GLY C 185 -22.68 10.59 16.50
C GLY C 185 -21.55 11.03 15.59
N ASP C 186 -20.48 10.26 15.61
CA ASP C 186 -19.32 10.58 14.79
C ASP C 186 -19.69 10.54 13.32
N VAL C 187 -19.44 11.66 12.62
CA VAL C 187 -19.70 11.72 11.19
C VAL C 187 -18.59 10.97 10.47
N MET C 188 -18.99 10.01 9.62
CA MET C 188 -18.03 9.10 9.00
C MET C 188 -17.76 9.40 7.53
N SER C 189 -18.64 10.13 6.85
CA SER C 189 -18.44 10.40 5.43
C SER C 189 -19.25 11.63 5.04
N LEU C 190 -18.89 12.19 3.89
CA LEU C 190 -19.62 13.31 3.30
C LEU C 190 -19.44 13.25 1.80
N SER C 191 -20.47 13.72 1.07
CA SER C 191 -20.46 13.71 -0.38
C SER C 191 -20.94 15.06 -0.90
N LEU C 192 -20.07 15.74 -1.64
CA LEU C 192 -20.44 17.02 -2.25
C LEU C 192 -21.38 16.81 -3.42
N ALA C 193 -22.37 17.69 -3.55
CA ALA C 193 -23.26 17.63 -4.69
C ALA C 193 -22.52 18.02 -5.96
N PRO C 194 -22.94 17.51 -7.12
CA PRO C 194 -22.27 17.90 -8.37
C PRO C 194 -22.29 19.39 -8.63
N ASP C 195 -23.37 20.09 -8.25
CA ASP C 195 -23.42 21.53 -8.39
C ASP C 195 -22.65 22.26 -7.30
N THR C 196 -22.27 21.56 -6.23
CA THR C 196 -21.52 22.12 -5.10
C THR C 196 -22.31 23.30 -4.51
N ARG C 197 -23.45 22.96 -3.90
CA ARG C 197 -24.21 23.89 -3.09
C ARG C 197 -24.74 23.27 -1.80
N LEU C 198 -24.87 21.95 -1.74
CA LEU C 198 -25.26 21.25 -0.52
C LEU C 198 -24.54 19.91 -0.51
N PHE C 199 -24.46 19.31 0.67
CA PHE C 199 -23.77 18.04 0.80
C PHE C 199 -24.44 17.18 1.86
N VAL C 200 -24.37 15.87 1.68
CA VAL C 200 -24.93 14.91 2.62
C VAL C 200 -23.82 14.36 3.50
N SER C 201 -24.11 14.22 4.78
CA SER C 201 -23.16 13.67 5.73
C SER C 201 -23.84 12.54 6.51
N GLY C 202 -23.21 11.37 6.53
CA GLY C 202 -23.69 10.25 7.32
C GLY C 202 -22.86 10.12 8.58
N ALA C 203 -23.52 9.71 9.67
CA ALA C 203 -22.85 9.66 10.96
C ALA C 203 -23.06 8.34 11.67
N CYS C 204 -22.62 8.26 12.92
CA CYS C 204 -22.76 7.05 13.72
C CYS C 204 -24.14 6.87 14.31
N ASP C 205 -24.99 7.90 14.27
CA ASP C 205 -26.35 7.80 14.78
C ASP C 205 -27.32 7.24 13.74
N ALA C 206 -26.81 6.60 12.69
CA ALA C 206 -27.63 5.98 11.65
C ALA C 206 -28.58 6.98 10.99
N SER C 207 -28.08 8.20 10.78
CA SER C 207 -28.85 9.24 10.12
C SER C 207 -27.97 9.97 9.12
N ALA C 208 -28.54 10.31 7.97
CA ALA C 208 -27.86 11.09 6.94
C ALA C 208 -28.51 12.45 6.85
N LYS C 209 -27.73 13.51 7.01
CA LYS C 209 -28.25 14.86 7.05
C LYS C 209 -27.76 15.65 5.85
N LEU C 210 -28.66 16.37 5.20
CA LEU C 210 -28.33 17.20 4.05
C LEU C 210 -28.15 18.64 4.53
N TRP C 211 -26.97 19.21 4.27
CA TRP C 211 -26.61 20.53 4.75
C TRP C 211 -26.43 21.46 3.57
N ASP C 212 -27.00 22.65 3.66
CA ASP C 212 -26.80 23.70 2.67
C ASP C 212 -25.51 24.45 3.01
N VAL C 213 -24.56 24.44 2.09
CA VAL C 213 -23.26 25.07 2.35
C VAL C 213 -23.42 26.58 2.53
N ARG C 214 -24.22 27.21 1.67
CA ARG C 214 -24.37 28.66 1.75
C ARG C 214 -25.12 29.07 3.01
N GLU C 215 -26.26 28.41 3.29
CA GLU C 215 -27.03 28.77 4.48
C GLU C 215 -26.33 28.34 5.76
N GLY C 216 -25.79 27.12 5.77
CA GLY C 216 -25.12 26.59 6.95
C GLY C 216 -26.00 25.82 7.90
N MET C 217 -27.22 25.49 7.50
CA MET C 217 -28.16 24.78 8.37
C MET C 217 -28.65 23.53 7.67
N CYS C 218 -28.94 22.50 8.47
CA CYS C 218 -29.45 21.25 7.94
C CYS C 218 -30.83 21.46 7.32
N ARG C 219 -31.07 20.83 6.17
CA ARG C 219 -32.32 20.94 5.45
C ARG C 219 -33.18 19.70 5.54
N GLN C 220 -32.58 18.52 5.51
CA GLN C 220 -33.31 17.26 5.56
C GLN C 220 -32.52 16.23 6.36
N THR C 221 -33.24 15.31 6.99
CA THR C 221 -32.64 14.20 7.72
C THR C 221 -33.30 12.90 7.29
N PHE C 222 -32.48 11.87 7.08
CA PHE C 222 -32.94 10.58 6.60
C PHE C 222 -32.50 9.51 7.60
N THR C 223 -33.47 8.76 8.11
CA THR C 223 -33.23 7.75 9.14
C THR C 223 -33.83 6.42 8.67
N GLY C 224 -33.03 5.65 7.94
CA GLY C 224 -33.45 4.32 7.53
C GLY C 224 -32.57 3.23 8.07
N HIS C 225 -31.29 3.55 8.30
CA HIS C 225 -30.33 2.57 8.73
C HIS C 225 -30.48 2.28 10.23
N GLU C 226 -29.96 1.13 10.64
CA GLU C 226 -29.91 0.73 12.04
C GLU C 226 -28.48 0.57 12.55
N SER C 227 -27.52 1.19 11.86
CA SER C 227 -26.12 1.09 12.24
C SER C 227 -25.39 2.32 11.72
N ASP C 228 -24.14 2.47 12.14
CA ASP C 228 -23.35 3.63 11.74
C ASP C 228 -23.17 3.65 10.24
N ILE C 229 -23.45 4.81 9.63
CA ILE C 229 -23.34 4.97 8.18
C ILE C 229 -21.87 5.26 7.86
N ASN C 230 -21.18 4.27 7.28
CA ASN C 230 -19.76 4.42 7.00
C ASN C 230 -19.51 5.28 5.77
N ALA C 231 -20.34 5.15 4.74
CA ALA C 231 -20.07 5.83 3.48
C ALA C 231 -21.33 6.48 2.94
N ILE C 232 -21.14 7.53 2.14
CA ILE C 232 -22.24 8.22 1.48
C ILE C 232 -21.74 8.70 0.12
N CYS C 233 -22.62 8.67 -0.87
CA CYS C 233 -22.25 9.07 -2.23
C CYS C 233 -23.44 9.71 -2.91
N PHE C 234 -23.25 10.92 -3.44
CA PHE C 234 -24.31 11.60 -4.16
C PHE C 234 -24.55 10.96 -5.51
N PHE C 235 -25.82 10.87 -5.90
CA PHE C 235 -26.18 10.43 -7.23
C PHE C 235 -25.70 11.47 -8.25
N PRO C 236 -25.31 11.03 -9.46
CA PRO C 236 -24.87 12.00 -10.47
C PRO C 236 -25.89 13.07 -10.78
N ASN C 237 -27.18 12.75 -10.72
CA ASN C 237 -28.21 13.76 -10.92
C ASN C 237 -28.11 14.86 -9.87
N GLY C 238 -27.88 14.48 -8.62
CA GLY C 238 -27.81 15.43 -7.53
C GLY C 238 -29.05 15.52 -6.68
N ASN C 239 -30.10 14.76 -7.01
CA ASN C 239 -31.33 14.74 -6.25
C ASN C 239 -31.53 13.42 -5.51
N ALA C 240 -30.46 12.66 -5.30
CA ALA C 240 -30.52 11.40 -4.59
C ALA C 240 -29.12 11.06 -4.12
N PHE C 241 -29.04 10.07 -3.23
CA PHE C 241 -27.74 9.60 -2.77
C PHE C 241 -27.87 8.20 -2.21
N ALA C 242 -26.73 7.55 -2.03
CA ALA C 242 -26.66 6.19 -1.51
C ALA C 242 -25.80 6.18 -0.26
N THR C 243 -26.30 5.52 0.78
CA THR C 243 -25.61 5.40 2.06
C THR C 243 -25.28 3.94 2.32
N GLY C 244 -24.09 3.71 2.88
CA GLY C 244 -23.67 2.37 3.27
C GLY C 244 -23.26 2.31 4.72
N SER C 245 -23.84 1.38 5.47
CA SER C 245 -23.70 1.32 6.91
C SER C 245 -23.20 -0.05 7.34
N ASP C 246 -22.98 -0.20 8.65
CA ASP C 246 -22.46 -1.44 9.22
C ASP C 246 -23.45 -2.58 9.20
N ASP C 247 -24.73 -2.32 8.93
CA ASP C 247 -25.74 -3.37 8.93
C ASP C 247 -25.77 -4.16 7.63
N ALA C 248 -24.72 -4.08 6.83
CA ALA C 248 -24.57 -4.84 5.59
C ALA C 248 -25.66 -4.48 4.57
N THR C 249 -26.17 -3.25 4.63
CA THR C 249 -27.18 -2.78 3.70
C THR C 249 -26.77 -1.43 3.15
N CYS C 250 -27.06 -1.23 1.86
CA CYS C 250 -27.00 0.09 1.24
C CYS C 250 -28.41 0.62 1.09
N ARG C 251 -28.54 1.95 1.02
CA ARG C 251 -29.86 2.54 0.95
C ARG C 251 -29.84 3.74 0.02
N LEU C 252 -30.89 3.87 -0.78
CA LEU C 252 -31.04 4.99 -1.70
C LEU C 252 -32.06 5.97 -1.14
N PHE C 253 -31.64 7.22 -0.94
CA PHE C 253 -32.50 8.28 -0.43
C PHE C 253 -32.64 9.37 -1.48
N ASP C 254 -33.74 10.12 -1.41
CA ASP C 254 -34.02 11.20 -2.34
C ASP C 254 -34.13 12.53 -1.60
N LEU C 255 -33.66 13.59 -2.25
CA LEU C 255 -33.77 14.93 -1.68
C LEU C 255 -35.18 15.48 -1.81
N ARG C 256 -35.91 15.09 -2.85
CA ARG C 256 -37.25 15.61 -3.09
C ARG C 256 -38.36 14.70 -2.56
N ALA C 257 -38.09 13.40 -2.39
CA ALA C 257 -39.06 12.48 -1.81
C ALA C 257 -38.88 12.33 -0.31
N ASP C 258 -37.70 12.64 0.23
CA ASP C 258 -37.42 12.62 1.66
C ASP C 258 -37.61 11.24 2.28
N GLN C 259 -37.40 10.17 1.52
CA GLN C 259 -37.54 8.83 2.07
C GLN C 259 -36.65 7.86 1.30
N GLU C 260 -36.40 6.72 1.93
CA GLU C 260 -35.58 5.68 1.30
C GLU C 260 -36.26 5.15 0.05
N LEU C 261 -35.46 4.88 -0.97
CA LEU C 261 -35.94 4.37 -2.25
C LEU C 261 -35.75 2.86 -2.39
N MET C 262 -34.51 2.39 -2.21
CA MET C 262 -34.21 0.97 -2.31
C MET C 262 -33.21 0.58 -1.24
N THR C 263 -33.23 -0.71 -0.91
CA THR C 263 -32.25 -1.33 -0.02
C THR C 263 -31.45 -2.35 -0.82
N TYR C 264 -30.13 -2.21 -0.78
CA TYR C 264 -29.20 -3.11 -1.45
C TYR C 264 -28.57 -3.99 -0.38
N SER C 265 -29.16 -5.17 -0.16
CA SER C 265 -28.67 -6.09 0.84
C SER C 265 -28.96 -7.51 0.39
N HIS C 266 -28.21 -8.46 0.95
CA HIS C 266 -28.38 -9.87 0.62
C HIS C 266 -28.27 -10.69 1.89
N ASP C 267 -28.89 -11.87 1.87
CA ASP C 267 -28.85 -12.77 3.01
C ASP C 267 -27.45 -13.30 3.25
N ASN C 268 -26.65 -13.44 2.19
CA ASN C 268 -25.28 -13.95 2.30
C ASN C 268 -24.27 -12.85 2.56
N ILE C 269 -24.71 -11.61 2.74
CA ILE C 269 -23.83 -10.49 3.08
C ILE C 269 -24.14 -10.08 4.52
N ILE C 270 -23.12 -10.10 5.36
CA ILE C 270 -23.25 -9.72 6.77
C ILE C 270 -22.17 -8.70 7.09
N CYS C 271 -21.20 -8.55 6.20
CA CYS C 271 -20.12 -7.60 6.40
C CYS C 271 -20.62 -6.18 6.23
N GLY C 272 -20.08 -5.27 7.02
CA GLY C 272 -20.44 -3.87 6.90
C GLY C 272 -19.88 -3.23 5.65
N ILE C 273 -20.50 -2.12 5.26
CA ILE C 273 -20.07 -1.35 4.10
C ILE C 273 -18.98 -0.39 4.57
N THR C 274 -17.94 -0.23 3.75
CA THR C 274 -16.86 0.70 4.03
C THR C 274 -16.79 1.86 3.06
N SER C 275 -17.32 1.70 1.85
CA SER C 275 -17.21 2.70 0.80
C SER C 275 -18.26 2.43 -0.25
N VAL C 276 -18.87 3.51 -0.77
CA VAL C 276 -19.85 3.42 -1.83
C VAL C 276 -19.48 4.40 -2.93
N SER C 277 -19.89 4.08 -4.16
CA SER C 277 -19.65 4.95 -5.29
C SER C 277 -20.67 4.62 -6.38
N PHE C 278 -20.87 5.57 -7.28
CA PHE C 278 -21.80 5.45 -8.39
C PHE C 278 -21.05 5.44 -9.70
N SER C 279 -21.66 4.82 -10.71
CA SER C 279 -21.14 4.92 -12.07
C SER C 279 -21.34 6.33 -12.59
N LYS C 280 -20.82 6.60 -13.79
CA LYS C 280 -20.95 7.93 -14.36
C LYS C 280 -22.42 8.27 -14.62
N SER C 281 -23.18 7.31 -15.12
CA SER C 281 -24.61 7.48 -15.34
C SER C 281 -25.44 7.21 -14.09
N GLY C 282 -24.82 6.70 -13.03
CA GLY C 282 -25.54 6.37 -11.81
C GLY C 282 -26.31 5.07 -11.83
N ARG C 283 -26.15 4.27 -12.89
CA ARG C 283 -26.91 3.02 -12.98
C ARG C 283 -26.33 1.93 -12.08
N LEU C 284 -25.01 1.89 -11.91
CA LEU C 284 -24.36 0.90 -11.06
C LEU C 284 -23.87 1.57 -9.78
N LEU C 285 -24.21 0.96 -8.65
CA LEU C 285 -23.73 1.39 -7.34
C LEU C 285 -22.60 0.45 -6.92
N LEU C 286 -21.38 0.97 -6.87
CA LEU C 286 -20.22 0.21 -6.42
C LEU C 286 -20.11 0.34 -4.91
N ALA C 287 -20.00 -0.78 -4.22
CA ALA C 287 -20.04 -0.80 -2.76
C ALA C 287 -18.88 -1.64 -2.23
N GLY C 288 -17.97 -0.99 -1.51
CA GLY C 288 -16.89 -1.73 -0.86
C GLY C 288 -17.35 -2.33 0.46
N TYR C 289 -16.94 -3.57 0.69
CA TYR C 289 -17.39 -4.34 1.84
C TYR C 289 -16.22 -4.74 2.73
N ASP C 290 -16.56 -5.36 3.86
CA ASP C 290 -15.57 -5.92 4.77
C ASP C 290 -15.18 -7.35 4.42
N ASP C 291 -15.84 -7.95 3.43
CA ASP C 291 -15.58 -9.32 3.01
C ASP C 291 -14.40 -9.44 2.07
N PHE C 292 -13.52 -8.44 2.05
CA PHE C 292 -12.30 -8.38 1.23
C PHE C 292 -12.61 -8.10 -0.23
N ASN C 293 -13.88 -7.92 -0.59
CA ASN C 293 -14.27 -7.75 -1.98
C ASN C 293 -15.35 -6.68 -2.08
N CYS C 294 -15.49 -6.12 -3.27
CA CYS C 294 -16.49 -5.11 -3.56
C CYS C 294 -17.64 -5.72 -4.36
N ASN C 295 -18.77 -5.03 -4.35
CA ASN C 295 -19.97 -5.50 -5.03
C ASN C 295 -20.49 -4.42 -5.98
N VAL C 296 -21.18 -4.86 -7.03
CA VAL C 296 -21.83 -3.97 -7.97
C VAL C 296 -23.33 -4.23 -7.89
N TRP C 297 -24.09 -3.18 -7.58
CA TRP C 297 -25.54 -3.28 -7.48
C TRP C 297 -26.19 -2.51 -8.61
N ASP C 298 -27.31 -3.02 -9.09
CA ASP C 298 -28.13 -2.28 -10.03
C ASP C 298 -28.92 -1.25 -9.24
N ALA C 299 -28.57 0.04 -9.41
CA ALA C 299 -29.13 1.09 -8.58
C ALA C 299 -30.63 1.27 -8.78
N LEU C 300 -31.21 0.70 -9.84
CA LEU C 300 -32.64 0.81 -10.10
C LEU C 300 -33.42 -0.46 -9.82
N LYS C 301 -32.75 -1.61 -9.63
CA LYS C 301 -33.43 -2.86 -9.36
C LYS C 301 -32.90 -3.60 -8.14
N ALA C 302 -31.86 -3.08 -7.48
CA ALA C 302 -31.30 -3.70 -6.27
C ALA C 302 -30.87 -5.14 -6.53
N ASP C 303 -30.30 -5.39 -7.70
CA ASP C 303 -29.80 -6.71 -8.07
C ASP C 303 -28.30 -6.64 -8.23
N ARG C 304 -27.59 -7.62 -7.66
CA ARG C 304 -26.15 -7.66 -7.79
C ARG C 304 -25.75 -7.89 -9.24
N ALA C 305 -24.77 -7.12 -9.72
CA ALA C 305 -24.30 -7.24 -11.08
C ALA C 305 -22.95 -7.95 -11.18
N GLY C 306 -22.11 -7.84 -10.17
CA GLY C 306 -20.82 -8.50 -10.20
C GLY C 306 -20.08 -8.26 -8.91
N VAL C 307 -18.93 -8.93 -8.79
CA VAL C 307 -18.09 -8.83 -7.60
C VAL C 307 -16.68 -8.47 -8.04
N LEU C 308 -16.10 -7.48 -7.36
CA LEU C 308 -14.71 -7.08 -7.58
C LEU C 308 -13.91 -7.69 -6.44
N ALA C 309 -13.46 -8.92 -6.63
CA ALA C 309 -12.72 -9.69 -5.63
C ALA C 309 -11.28 -9.81 -6.09
N GLY C 310 -10.42 -8.92 -5.57
CA GLY C 310 -9.01 -8.96 -5.91
C GLY C 310 -8.11 -8.64 -4.74
N HIS C 311 -8.70 -8.44 -3.56
CA HIS C 311 -7.96 -8.02 -2.38
C HIS C 311 -7.94 -9.13 -1.35
N ASP C 312 -6.81 -9.25 -0.65
CA ASP C 312 -6.64 -10.20 0.44
C ASP C 312 -7.09 -9.65 1.78
N ASN C 313 -7.54 -8.39 1.82
CA ASN C 313 -8.09 -7.79 3.03
C ASN C 313 -9.25 -6.90 2.62
N ARG C 314 -9.92 -6.33 3.62
CA ARG C 314 -11.14 -5.57 3.36
C ARG C 314 -10.87 -4.35 2.49
N VAL C 315 -11.82 -4.04 1.62
CA VAL C 315 -11.72 -2.88 0.74
C VAL C 315 -12.10 -1.64 1.54
N SER C 316 -11.15 -0.73 1.73
CA SER C 316 -11.36 0.43 2.59
C SER C 316 -11.79 1.67 1.84
N CYS C 317 -11.31 1.87 0.61
CA CYS C 317 -11.63 3.06 -0.15
C CYS C 317 -12.02 2.69 -1.57
N LEU C 318 -12.92 3.48 -2.13
CA LEU C 318 -13.47 3.25 -3.46
C LEU C 318 -13.56 4.58 -4.20
N GLY C 319 -13.39 4.54 -5.51
CA GLY C 319 -13.53 5.74 -6.31
C GLY C 319 -13.83 5.39 -7.76
N VAL C 320 -14.57 6.28 -8.42
CA VAL C 320 -14.89 6.15 -9.83
C VAL C 320 -14.46 7.43 -10.53
N THR C 321 -13.83 7.28 -11.69
CA THR C 321 -13.35 8.45 -12.43
C THR C 321 -14.52 9.28 -12.94
N ASP C 322 -14.22 10.54 -13.26
CA ASP C 322 -15.26 11.46 -13.70
C ASP C 322 -15.88 11.01 -15.03
N ASP C 323 -15.12 10.36 -15.88
CA ASP C 323 -15.64 9.79 -17.12
C ASP C 323 -16.11 8.35 -16.93
N GLY C 324 -15.93 7.76 -15.76
CA GLY C 324 -16.40 6.42 -15.51
C GLY C 324 -15.61 5.32 -16.19
N MET C 325 -14.42 5.63 -16.71
CA MET C 325 -13.65 4.62 -17.41
C MET C 325 -13.20 3.50 -16.48
N ALA C 326 -12.81 3.84 -15.26
CA ALA C 326 -12.26 2.85 -14.33
C ALA C 326 -12.77 3.12 -12.93
N VAL C 327 -12.68 2.10 -12.08
CA VAL C 327 -12.99 2.21 -10.67
C VAL C 327 -11.78 1.74 -9.89
N ALA C 328 -11.29 2.58 -8.98
CA ALA C 328 -10.12 2.26 -8.18
C ALA C 328 -10.56 1.84 -6.78
N THR C 329 -10.08 0.69 -6.32
CA THR C 329 -10.37 0.18 -4.99
C THR C 329 -9.06 0.01 -4.24
N GLY C 330 -9.01 0.57 -3.04
CA GLY C 330 -7.86 0.41 -2.15
C GLY C 330 -8.30 -0.34 -0.91
N SER C 331 -7.48 -1.30 -0.48
CA SER C 331 -7.82 -2.20 0.60
C SER C 331 -6.77 -2.15 1.69
N TRP C 332 -6.98 -2.98 2.71
CA TRP C 332 -6.07 -3.06 3.85
C TRP C 332 -4.85 -3.92 3.56
N ASP C 333 -4.80 -4.59 2.40
CA ASP C 333 -3.61 -5.33 2.00
C ASP C 333 -2.60 -4.44 1.30
N SER C 334 -2.74 -3.12 1.40
CA SER C 334 -1.78 -2.15 0.89
C SER C 334 -1.68 -2.16 -0.63
N PHE C 335 -2.74 -2.55 -1.32
CA PHE C 335 -2.77 -2.60 -2.77
C PHE C 335 -3.96 -1.82 -3.30
N LEU C 336 -3.71 -0.97 -4.29
CA LEU C 336 -4.75 -0.29 -5.04
C LEU C 336 -4.90 -0.98 -6.39
N LYS C 337 -6.15 -1.26 -6.77
CA LYS C 337 -6.44 -1.93 -8.03
C LYS C 337 -7.42 -1.10 -8.84
N ILE C 338 -7.08 -0.86 -10.10
CA ILE C 338 -7.95 -0.18 -11.06
C ILE C 338 -8.69 -1.25 -11.84
N TRP C 339 -10.00 -1.11 -11.95
CA TRP C 339 -10.86 -2.09 -12.60
C TRP C 339 -11.60 -1.44 -13.76
N ASN C 340 -11.68 -2.17 -14.87
CA ASN C 340 -12.39 -1.68 -16.05
C ASN C 340 -13.51 -2.65 -16.44
N LEU D 15 -33.24 21.51 17.04
CA LEU D 15 -34.45 20.70 17.09
C LEU D 15 -35.64 21.58 17.44
N VAL D 16 -35.37 22.70 18.11
CA VAL D 16 -36.43 23.62 18.49
C VAL D 16 -37.13 24.18 17.26
N GLU D 17 -36.35 24.59 16.26
CA GLU D 17 -36.89 25.14 15.02
C GLU D 17 -36.47 24.37 13.77
N GLN D 18 -35.33 23.67 13.81
CA GLN D 18 -34.88 22.92 12.64
C GLN D 18 -35.85 21.79 12.31
N LEU D 19 -36.40 21.14 13.34
CA LEU D 19 -37.37 20.08 13.09
C LEU D 19 -38.61 20.63 12.41
N LYS D 20 -39.07 21.80 12.82
CA LYS D 20 -40.19 22.46 12.15
C LYS D 20 -39.80 23.05 10.81
N MET D 21 -38.56 23.50 10.66
CA MET D 21 -38.10 24.01 9.37
C MET D 21 -38.08 22.91 8.31
N GLU D 22 -37.64 21.71 8.70
CA GLU D 22 -37.62 20.57 7.80
C GLU D 22 -38.94 19.81 7.77
N ALA D 23 -39.91 20.21 8.59
CA ALA D 23 -41.21 19.54 8.61
C ALA D 23 -41.97 19.75 7.30
N ASN D 24 -41.90 20.97 6.76
CA ASN D 24 -42.65 21.35 5.55
C ASN D 24 -41.68 21.49 4.39
N ILE D 25 -41.38 20.37 3.73
CA ILE D 25 -40.57 20.39 2.51
C ILE D 25 -41.45 20.12 1.31
N ASP D 26 -41.07 20.69 0.16
CA ASP D 26 -41.81 20.47 -1.07
C ASP D 26 -41.59 19.03 -1.54
N ARG D 27 -42.37 18.11 -1.00
CA ARG D 27 -42.16 16.68 -1.18
C ARG D 27 -42.99 16.20 -2.37
N ILE D 28 -42.32 16.03 -3.51
CA ILE D 28 -43.00 15.43 -4.66
C ILE D 28 -43.15 13.93 -4.46
N LYS D 29 -44.06 13.34 -5.23
CA LYS D 29 -44.38 11.93 -5.05
C LYS D 29 -43.18 11.05 -5.39
N VAL D 30 -43.12 9.89 -4.73
CA VAL D 30 -42.03 8.95 -4.96
C VAL D 30 -42.02 8.46 -6.40
N SER D 31 -43.20 8.38 -7.02
CA SER D 31 -43.26 8.00 -8.42
C SER D 31 -42.52 9.01 -9.30
N LYS D 32 -42.71 10.31 -9.04
CA LYS D 32 -42.03 11.33 -9.83
C LYS D 32 -40.52 11.26 -9.65
N ALA D 33 -40.05 11.10 -8.41
CA ALA D 33 -38.62 11.01 -8.16
C ALA D 33 -38.02 9.78 -8.83
N ALA D 34 -38.70 8.64 -8.72
CA ALA D 34 -38.23 7.43 -9.38
C ALA D 34 -38.21 7.59 -10.90
N ALA D 35 -39.24 8.25 -11.45
CA ALA D 35 -39.29 8.45 -12.89
C ALA D 35 -38.14 9.31 -13.38
N ASP D 36 -37.85 10.40 -12.66
CA ASP D 36 -36.76 11.26 -13.11
C ASP D 36 -35.40 10.60 -12.90
N LEU D 37 -35.25 9.80 -11.83
CA LEU D 37 -34.01 9.06 -11.65
C LEU D 37 -33.79 8.06 -12.78
N MET D 38 -34.84 7.33 -13.16
CA MET D 38 -34.74 6.37 -14.26
C MET D 38 -34.47 7.09 -15.57
N ALA D 39 -35.09 8.25 -15.79
CA ALA D 39 -34.85 9.01 -17.00
C ALA D 39 -33.40 9.47 -17.08
N TYR D 40 -32.84 9.94 -15.97
CA TYR D 40 -31.42 10.31 -15.95
C TYR D 40 -30.54 9.11 -16.23
N CYS D 41 -30.87 7.96 -15.63
CA CYS D 41 -30.05 6.77 -15.83
C CYS D 41 -30.06 6.33 -17.30
N GLU D 42 -31.24 6.37 -17.94
CA GLU D 42 -31.32 5.95 -19.34
C GLU D 42 -30.71 6.98 -20.28
N ALA D 43 -30.77 8.27 -19.92
CA ALA D 43 -30.23 9.31 -20.79
C ALA D 43 -28.71 9.18 -20.93
N HIS D 44 -28.02 8.89 -19.84
CA HIS D 44 -26.56 8.84 -19.83
C HIS D 44 -26.02 7.41 -19.86
N ALA D 45 -26.86 6.42 -20.13
CA ALA D 45 -26.42 5.04 -20.12
C ALA D 45 -25.54 4.70 -21.33
N LYS D 46 -25.55 5.53 -22.36
CA LYS D 46 -24.78 5.27 -23.57
C LYS D 46 -23.46 6.03 -23.62
N GLU D 47 -23.12 6.76 -22.55
CA GLU D 47 -21.88 7.53 -22.53
C GLU D 47 -21.00 7.22 -21.33
N ASP D 48 -21.17 6.04 -20.72
CA ASP D 48 -20.26 5.60 -19.68
C ASP D 48 -19.74 4.20 -19.97
N PRO D 49 -18.50 3.91 -19.56
CA PRO D 49 -17.89 2.63 -19.94
C PRO D 49 -18.22 1.47 -19.00
N LEU D 50 -18.61 1.74 -17.75
CA LEU D 50 -18.86 0.65 -16.82
C LEU D 50 -20.16 -0.10 -17.16
N LEU D 51 -21.12 0.59 -17.80
CA LEU D 51 -22.35 -0.08 -18.19
C LEU D 51 -22.11 -1.02 -19.37
N THR D 52 -21.68 -0.47 -20.50
CA THR D 52 -21.33 -1.24 -21.68
C THR D 52 -19.83 -1.15 -21.91
N PRO D 53 -19.09 -2.24 -21.83
CA PRO D 53 -17.63 -2.16 -21.98
C PRO D 53 -17.23 -1.58 -23.33
N VAL D 54 -16.23 -0.71 -23.30
CA VAL D 54 -15.72 -0.05 -24.50
C VAL D 54 -14.66 -0.94 -25.15
N PRO D 55 -14.42 -0.82 -26.45
CA PRO D 55 -13.33 -1.58 -27.07
C PRO D 55 -11.98 -1.16 -26.51
N ALA D 56 -11.02 -2.09 -26.55
CA ALA D 56 -9.71 -1.85 -25.97
C ALA D 56 -8.96 -0.71 -26.66
N SER D 57 -9.39 -0.31 -27.86
CA SER D 57 -8.74 0.81 -28.53
C SER D 57 -8.94 2.11 -27.76
N GLU D 58 -10.11 2.31 -27.19
CA GLU D 58 -10.44 3.53 -26.44
C GLU D 58 -10.31 3.33 -24.93
N ASN D 59 -9.74 2.22 -24.48
CA ASN D 59 -9.59 1.96 -23.06
C ASN D 59 -8.17 2.31 -22.63
N PRO D 60 -7.96 3.37 -21.86
CA PRO D 60 -6.60 3.72 -21.44
C PRO D 60 -5.96 2.69 -20.53
N PHE D 61 -6.73 1.85 -19.86
CA PHE D 61 -6.18 0.86 -18.95
C PHE D 61 -6.17 -0.52 -19.58
N VAL E 5 15.49 28.11 -7.07
CA VAL E 5 15.06 29.03 -8.10
C VAL E 5 16.21 29.92 -8.53
N GLN E 6 17.43 29.48 -8.22
CA GLN E 6 18.63 30.20 -8.61
C GLN E 6 19.69 29.19 -9.04
N LEU E 7 20.26 29.42 -10.23
CA LEU E 7 21.34 28.59 -10.76
C LEU E 7 22.47 29.52 -11.16
N VAL E 8 23.51 29.62 -10.34
CA VAL E 8 24.64 30.50 -10.60
C VAL E 8 25.81 29.62 -11.01
N GLU E 9 26.36 29.87 -12.19
CA GLU E 9 27.41 29.02 -12.73
C GLU E 9 28.73 29.78 -12.79
N SER E 10 29.81 29.05 -12.55
CA SER E 10 31.15 29.58 -12.56
C SER E 10 32.03 28.74 -13.46
N GLY E 11 33.08 29.37 -14.00
CA GLY E 11 34.00 28.75 -14.92
C GLY E 11 34.19 29.62 -16.14
N GLY E 12 34.82 29.05 -17.17
CA GLY E 12 35.05 29.76 -18.40
C GLY E 12 36.29 30.64 -18.35
N GLY E 13 36.76 31.01 -19.53
CA GLY E 13 37.94 31.84 -19.66
C GLY E 13 38.72 31.44 -20.89
N LEU E 14 39.89 32.07 -21.05
CA LEU E 14 40.77 31.81 -22.18
C LEU E 14 41.48 30.48 -21.95
N VAL E 15 41.13 29.48 -22.76
CA VAL E 15 41.74 28.15 -22.67
C VAL E 15 42.36 27.83 -24.02
N GLN E 16 43.61 27.38 -23.99
CA GLN E 16 44.27 26.96 -25.23
C GLN E 16 43.63 25.68 -25.76
N PRO E 17 43.66 25.47 -27.07
CA PRO E 17 43.06 24.26 -27.64
C PRO E 17 43.74 23.01 -27.10
N GLY E 18 42.94 21.97 -26.88
CA GLY E 18 43.42 20.74 -26.31
C GLY E 18 43.52 20.73 -24.80
N GLY E 19 43.19 21.83 -24.14
CA GLY E 19 43.24 21.90 -22.69
C GLY E 19 42.02 21.30 -22.04
N SER E 20 42.01 21.37 -20.71
CA SER E 20 40.92 20.84 -19.90
C SER E 20 40.42 21.93 -18.96
N ARG E 21 39.10 22.01 -18.81
CA ARG E 21 38.50 23.02 -17.95
C ARG E 21 37.22 22.47 -17.35
N LYS E 22 37.10 22.59 -16.03
CA LYS E 22 35.92 22.16 -15.30
C LYS E 22 35.12 23.38 -14.88
N LEU E 23 33.82 23.38 -15.18
CA LEU E 23 32.95 24.48 -14.82
C LEU E 23 31.74 23.98 -14.06
N SER E 24 31.31 24.75 -13.07
CA SER E 24 30.36 24.31 -12.06
C SER E 24 29.09 25.15 -12.10
N CYS E 25 28.05 24.62 -11.47
CA CYS E 25 26.71 25.21 -11.46
C CYS E 25 26.14 25.00 -10.05
N SER E 26 26.13 26.05 -9.25
CA SER E 26 25.60 26.00 -7.89
C SER E 26 24.11 26.31 -7.93
N ALA E 27 23.31 25.42 -7.37
CA ALA E 27 21.85 25.54 -7.36
C ALA E 27 21.38 25.86 -5.95
N SER E 28 20.56 26.90 -5.82
CA SER E 28 20.01 27.30 -4.53
C SER E 28 18.53 27.64 -4.70
N GLY E 29 17.76 27.38 -3.66
CA GLY E 29 16.36 27.72 -3.64
C GLY E 29 15.42 26.64 -4.13
N PHE E 30 15.93 25.49 -4.55
CA PHE E 30 15.05 24.41 -4.99
C PHE E 30 15.70 23.07 -4.68
N ALA E 31 14.87 22.02 -4.71
CA ALA E 31 15.33 20.67 -4.38
C ALA E 31 16.17 20.11 -5.51
N PHE E 32 17.47 20.41 -5.50
CA PHE E 32 18.35 20.03 -6.60
C PHE E 32 18.42 18.53 -6.81
N SER E 33 18.19 17.75 -5.75
CA SER E 33 18.35 16.31 -5.85
C SER E 33 17.26 15.66 -6.70
N SER E 34 16.09 16.29 -6.79
CA SER E 34 14.96 15.72 -7.52
C SER E 34 14.86 16.24 -8.95
N PHE E 35 15.80 17.06 -9.40
CA PHE E 35 15.77 17.65 -10.73
C PHE E 35 16.85 17.04 -11.60
N GLY E 36 16.46 16.62 -12.81
CA GLY E 36 17.44 16.29 -13.82
C GLY E 36 18.01 17.56 -14.43
N MET E 37 19.32 17.59 -14.58
CA MET E 37 20.01 18.81 -14.98
C MET E 37 20.62 18.66 -16.36
N HIS E 38 20.70 19.78 -17.07
CA HIS E 38 21.21 19.84 -18.43
C HIS E 38 22.28 20.91 -18.51
N TRP E 39 23.28 20.65 -19.36
CA TRP E 39 24.21 21.68 -19.82
C TRP E 39 23.88 21.92 -21.29
N VAL E 40 23.60 23.18 -21.62
CA VAL E 40 23.21 23.60 -22.97
C VAL E 40 24.11 24.75 -23.38
N ARG E 41 24.81 24.60 -24.50
CA ARG E 41 25.70 25.65 -24.96
C ARG E 41 25.09 26.38 -26.14
N GLN E 42 25.47 27.65 -26.29
CA GLN E 42 25.07 28.44 -27.44
C GLN E 42 26.27 29.22 -27.95
N ALA E 43 26.47 29.21 -29.26
CA ALA E 43 27.60 29.88 -29.86
C ALA E 43 27.41 31.40 -29.81
N PRO E 44 28.49 32.17 -29.92
CA PRO E 44 28.34 33.64 -29.95
C PRO E 44 27.43 34.13 -31.05
N GLU E 45 27.41 33.46 -32.21
CA GLU E 45 26.56 33.85 -33.31
C GLU E 45 25.42 32.88 -33.59
N LYS E 46 25.59 31.60 -33.30
CA LYS E 46 24.57 30.59 -33.56
C LYS E 46 23.57 30.54 -32.40
N GLY E 47 22.67 29.57 -32.44
CA GLY E 47 21.64 29.42 -31.45
C GLY E 47 22.00 28.41 -30.37
N LEU E 48 20.97 27.96 -29.64
CA LEU E 48 21.17 27.04 -28.54
C LEU E 48 21.51 25.64 -29.06
N GLU E 49 22.25 24.90 -28.25
CA GLU E 49 22.63 23.53 -28.59
C GLU E 49 22.81 22.75 -27.30
N TRP E 50 22.02 21.69 -27.14
CA TRP E 50 22.10 20.86 -25.95
C TRP E 50 23.41 20.09 -25.92
N VAL E 51 24.03 20.03 -24.73
CA VAL E 51 25.34 19.41 -24.57
C VAL E 51 25.27 18.12 -23.77
N ALA E 52 24.72 18.17 -22.55
CA ALA E 52 24.74 16.99 -21.71
C ALA E 52 23.54 16.99 -20.76
N TYR E 53 23.22 15.81 -20.25
CA TYR E 53 22.09 15.62 -19.33
C TYR E 53 22.48 14.61 -18.27
N ILE E 54 22.33 15.01 -17.00
CA ILE E 54 22.52 14.13 -15.85
C ILE E 54 21.18 13.97 -15.16
N SER E 55 20.77 12.72 -14.94
CA SER E 55 19.43 12.46 -14.46
C SER E 55 19.34 12.75 -12.96
N SER E 56 18.15 12.52 -12.40
CA SER E 56 17.94 12.62 -10.97
C SER E 56 18.43 11.35 -10.30
N GLY E 57 19.29 11.49 -9.29
CA GLY E 57 19.95 10.34 -8.72
C GLY E 57 21.15 9.86 -9.51
N SER E 58 21.54 10.56 -10.56
CA SER E 58 22.70 10.25 -11.39
C SER E 58 22.57 8.90 -12.09
N GLY E 59 21.36 8.37 -12.18
CA GLY E 59 21.19 7.05 -12.78
C GLY E 59 21.28 7.01 -14.29
N THR E 60 21.05 8.14 -14.96
CA THR E 60 21.04 8.20 -16.41
C THR E 60 21.90 9.36 -16.89
N ILE E 61 22.70 9.10 -17.92
CA ILE E 61 23.69 10.05 -18.43
C ILE E 61 23.56 10.12 -19.94
N TYR E 62 23.50 11.34 -20.47
CA TYR E 62 23.45 11.53 -21.92
C TYR E 62 24.38 12.66 -22.33
N TYR E 63 24.96 12.52 -23.52
CA TYR E 63 25.82 13.53 -24.11
C TYR E 63 25.42 13.76 -25.56
N ALA E 64 25.80 14.93 -26.07
CA ALA E 64 25.65 15.19 -27.50
C ALA E 64 26.63 14.33 -28.28
N ASP E 65 26.28 14.04 -29.54
CA ASP E 65 27.14 13.21 -30.37
C ASP E 65 28.43 13.91 -30.76
N THR E 66 28.56 15.21 -30.49
CA THR E 66 29.76 15.96 -30.82
C THR E 66 30.73 16.10 -29.66
N VAL E 67 30.30 15.78 -28.42
CA VAL E 67 31.16 15.93 -27.26
C VAL E 67 31.20 14.65 -26.45
N LYS E 68 30.73 13.55 -27.03
CA LYS E 68 30.75 12.28 -26.33
C LYS E 68 32.18 11.79 -26.19
N GLY E 69 32.55 11.36 -24.98
CA GLY E 69 33.87 10.87 -24.70
C GLY E 69 34.86 11.91 -24.20
N ARG E 70 34.63 13.18 -24.52
CA ARG E 70 35.51 14.25 -24.05
C ARG E 70 34.86 15.14 -22.99
N PHE E 71 33.54 15.08 -22.83
CA PHE E 71 32.84 15.82 -21.80
C PHE E 71 32.30 14.84 -20.77
N THR E 72 32.34 15.25 -19.50
CA THR E 72 31.83 14.44 -18.39
C THR E 72 30.97 15.32 -17.51
N ILE E 73 29.68 15.01 -17.41
CA ILE E 73 28.75 15.75 -16.59
C ILE E 73 28.47 14.95 -15.33
N SER E 74 28.51 15.61 -14.18
CA SER E 74 28.28 14.94 -12.91
C SER E 74 27.55 15.89 -11.98
N ARG E 75 27.04 15.35 -10.87
CA ARG E 75 26.31 16.15 -9.91
C ARG E 75 26.72 15.77 -8.50
N ASP E 76 26.60 16.73 -7.58
CA ASP E 76 26.83 16.54 -6.15
C ASP E 76 25.57 17.06 -5.45
N ASP E 77 24.61 16.17 -5.22
CA ASP E 77 23.38 16.55 -4.54
C ASP E 77 23.61 17.02 -3.11
N PRO E 78 24.41 16.34 -2.28
CA PRO E 78 24.66 16.90 -0.93
C PRO E 78 25.25 18.30 -0.95
N LYS E 79 26.11 18.60 -1.92
CA LYS E 79 26.64 19.94 -2.09
C LYS E 79 25.75 20.81 -2.97
N ASN E 80 24.73 20.24 -3.60
CA ASN E 80 23.80 20.96 -4.47
C ASN E 80 24.55 21.70 -5.58
N THR E 81 25.24 20.92 -6.42
CA THR E 81 26.04 21.53 -7.48
C THR E 81 26.17 20.56 -8.65
N LEU E 82 26.54 21.13 -9.80
CA LEU E 82 26.69 20.41 -11.05
C LEU E 82 28.07 20.69 -11.62
N PHE E 83 28.68 19.68 -12.24
CA PHE E 83 30.01 19.79 -12.79
C PHE E 83 30.01 19.37 -14.26
N LEU E 84 30.75 20.11 -15.07
CA LEU E 84 31.08 19.71 -16.43
C LEU E 84 32.59 19.76 -16.59
N GLN E 85 33.20 18.60 -16.78
CA GLN E 85 34.61 18.46 -17.10
C GLN E 85 34.79 18.31 -18.60
N MET E 86 35.77 19.02 -19.15
CA MET E 86 36.05 18.95 -20.58
C MET E 86 37.47 18.47 -20.81
N THR E 87 37.64 17.75 -21.92
CA THR E 87 38.93 17.23 -22.34
C THR E 87 39.13 17.55 -23.82
N SER E 88 40.32 18.02 -24.17
CA SER E 88 40.69 18.33 -25.56
C SER E 88 39.76 19.39 -26.14
N LEU E 89 39.85 20.59 -25.57
CA LEU E 89 39.06 21.71 -26.06
C LEU E 89 39.49 22.10 -27.48
N ARG E 90 38.52 22.54 -28.27
CA ARG E 90 38.75 22.98 -29.64
C ARG E 90 38.05 24.31 -29.86
N SER E 91 38.42 24.98 -30.96
CA SER E 91 37.83 26.28 -31.28
C SER E 91 36.36 26.19 -31.62
N GLU E 92 35.87 25.00 -31.99
CA GLU E 92 34.46 24.78 -32.29
C GLU E 92 33.66 24.36 -31.07
N ASP E 93 34.11 24.75 -29.87
CA ASP E 93 33.48 24.34 -28.63
C ASP E 93 33.27 25.61 -27.82
N THR E 94 34.11 26.62 -28.05
CA THR E 94 34.00 27.91 -27.39
C THR E 94 32.61 28.50 -27.56
N ALA E 95 31.88 28.65 -26.45
CA ALA E 95 30.49 29.07 -26.49
C ALA E 95 30.11 29.58 -25.11
N MET E 96 28.82 29.79 -24.90
CA MET E 96 28.27 30.22 -23.62
C MET E 96 27.42 29.08 -23.07
N TYR E 97 27.74 28.62 -21.88
CA TYR E 97 27.13 27.42 -21.31
C TYR E 97 26.08 27.79 -20.27
N TYR E 98 24.96 27.08 -20.30
CA TYR E 98 23.82 27.29 -19.43
C TYR E 98 23.51 26.01 -18.66
N CYS E 99 23.18 26.16 -17.39
CA CYS E 99 22.76 25.08 -16.51
C CYS E 99 21.26 25.14 -16.37
N VAL E 100 20.57 24.07 -16.74
CA VAL E 100 19.11 24.06 -16.84
C VAL E 100 18.56 22.98 -15.93
N ARG E 101 17.56 23.34 -15.14
CA ARG E 101 16.84 22.36 -14.33
C ARG E 101 15.65 21.83 -15.12
N SER E 102 15.29 20.58 -14.85
CA SER E 102 14.13 19.97 -15.51
C SER E 102 13.73 18.74 -14.73
N ILE E 103 12.49 18.72 -14.23
CA ILE E 103 11.97 17.60 -13.46
C ILE E 103 10.88 16.92 -14.28
N TYR E 104 10.89 15.60 -14.30
CA TYR E 104 10.02 14.82 -15.17
C TYR E 104 9.04 14.00 -14.33
N TYR E 105 7.77 14.38 -14.40
CA TYR E 105 6.66 13.56 -13.94
C TYR E 105 5.45 13.94 -14.77
N TYR E 106 4.30 13.35 -14.46
CA TYR E 106 3.10 13.65 -15.23
C TYR E 106 2.66 15.08 -14.95
N GLY E 107 2.54 15.88 -16.01
CA GLY E 107 2.15 17.26 -15.88
C GLY E 107 3.29 18.22 -15.55
N SER E 108 4.52 17.72 -15.43
CA SER E 108 5.64 18.58 -15.14
C SER E 108 5.99 19.44 -16.35
N SER E 109 6.79 20.48 -16.10
CA SER E 109 7.20 21.42 -17.14
C SER E 109 8.72 21.51 -17.12
N PRO E 110 9.41 20.56 -17.74
CA PRO E 110 10.87 20.57 -17.72
C PRO E 110 11.43 21.82 -18.40
N PHE E 111 12.71 22.08 -18.13
CA PHE E 111 13.38 23.30 -18.57
C PHE E 111 12.71 24.54 -17.98
N ASP E 112 12.32 24.44 -16.70
CA ASP E 112 11.71 25.56 -16.01
C ASP E 112 12.63 26.76 -15.97
N PHE E 113 13.78 26.61 -15.30
CA PHE E 113 14.68 27.71 -14.99
C PHE E 113 16.01 27.46 -15.67
N TRP E 114 16.51 28.49 -16.36
CA TRP E 114 17.83 28.47 -16.98
C TRP E 114 18.75 29.43 -16.23
N GLY E 115 19.88 28.91 -15.77
CA GLY E 115 20.83 29.75 -15.07
C GLY E 115 21.58 30.69 -16.00
N GLN E 116 22.21 31.69 -15.39
CA GLN E 116 23.05 32.60 -16.16
C GLN E 116 24.26 31.86 -16.72
N GLY E 117 24.72 32.30 -17.88
CA GLY E 117 25.70 31.56 -18.65
C GLY E 117 27.13 31.86 -18.27
N THR E 118 28.01 30.89 -18.55
CA THR E 118 29.45 31.05 -18.43
C THR E 118 30.06 31.10 -19.82
N THR E 119 30.85 32.14 -20.09
CA THR E 119 31.48 32.32 -21.40
C THR E 119 32.78 31.53 -21.43
N LEU E 120 32.83 30.51 -22.27
CA LEU E 120 34.03 29.72 -22.49
C LEU E 120 34.62 30.09 -23.85
N THR E 121 35.89 30.48 -23.86
CA THR E 121 36.60 30.86 -25.08
C THR E 121 37.79 29.93 -25.26
N VAL E 122 37.83 29.21 -26.38
CA VAL E 122 38.95 28.34 -26.72
C VAL E 122 39.52 28.83 -28.05
N SER E 123 40.80 29.17 -28.04
CA SER E 123 41.45 29.70 -29.23
C SER E 123 42.94 29.38 -29.23
N SER E 139 21.03 11.07 -38.01
CA SER E 139 20.16 10.28 -37.15
C SER E 139 19.28 11.19 -36.30
N ASP E 140 19.85 12.29 -35.82
CA ASP E 140 19.10 13.25 -35.03
C ASP E 140 18.03 13.93 -35.88
N ILE E 141 16.88 14.18 -35.27
CA ILE E 141 15.80 14.88 -35.98
C ILE E 141 16.12 16.37 -35.99
N VAL E 142 15.69 17.05 -37.05
CA VAL E 142 16.04 18.43 -37.29
C VAL E 142 14.82 19.31 -37.04
N MET E 143 14.99 20.34 -36.22
CA MET E 143 13.96 21.34 -35.97
C MET E 143 14.39 22.62 -36.67
N THR E 144 13.69 22.98 -37.74
CA THR E 144 14.07 24.11 -38.58
C THR E 144 13.01 25.20 -38.48
N GLN E 145 13.44 26.42 -38.21
CA GLN E 145 12.56 27.58 -38.20
C GLN E 145 12.75 28.32 -39.53
N ALA E 146 11.68 28.40 -40.31
CA ALA E 146 11.79 28.99 -41.64
C ALA E 146 12.17 30.47 -41.57
N THR E 147 11.57 31.21 -40.66
CA THR E 147 11.83 32.63 -40.51
C THR E 147 12.87 32.85 -39.43
N SER E 148 13.84 33.72 -39.72
CA SER E 148 14.91 34.05 -38.77
C SER E 148 14.73 35.41 -38.12
N SER E 149 14.07 36.34 -38.80
CA SER E 149 13.83 37.67 -38.25
C SER E 149 12.60 38.26 -38.91
N VAL E 150 11.68 38.78 -38.10
CA VAL E 150 10.46 39.39 -38.62
C VAL E 150 10.29 40.78 -38.01
N PRO E 151 9.69 41.73 -38.75
CA PRO E 151 9.44 43.05 -38.16
C PRO E 151 8.07 43.10 -37.48
N VAL E 152 8.04 43.57 -36.23
CA VAL E 152 6.81 43.61 -35.44
C VAL E 152 6.71 44.96 -34.75
N THR E 153 5.47 45.31 -34.38
CA THR E 153 5.16 46.53 -33.66
C THR E 153 4.33 46.20 -32.43
N PRO E 154 4.49 46.96 -31.35
CA PRO E 154 3.72 46.68 -30.13
C PRO E 154 2.23 46.81 -30.37
N GLY E 155 1.46 45.93 -29.71
CA GLY E 155 0.02 45.92 -29.84
C GLY E 155 -0.52 45.15 -31.03
N GLU E 156 0.34 44.60 -31.87
CA GLU E 156 -0.10 43.84 -33.04
C GLU E 156 -0.20 42.37 -32.67
N SER E 157 -0.35 41.51 -33.68
CA SER E 157 -0.39 40.07 -33.50
C SER E 157 0.59 39.43 -34.46
N VAL E 158 1.48 38.58 -33.92
CA VAL E 158 2.51 37.93 -34.72
C VAL E 158 2.43 36.43 -34.50
N SER E 159 2.94 35.69 -35.48
CA SER E 159 2.97 34.24 -35.41
C SER E 159 4.26 33.73 -36.05
N ILE E 160 4.92 32.79 -35.37
CA ILE E 160 6.13 32.16 -35.88
C ILE E 160 5.88 30.67 -35.95
N SER E 161 6.64 29.99 -36.81
CA SER E 161 6.43 28.57 -37.04
C SER E 161 7.77 27.86 -37.21
N CYS E 162 7.76 26.56 -36.95
CA CYS E 162 8.92 25.72 -37.22
C CYS E 162 8.45 24.29 -37.48
N ARG E 163 9.29 23.56 -38.19
CA ARG E 163 8.98 22.21 -38.65
C ARG E 163 10.01 21.22 -38.12
N SER E 164 9.53 20.05 -37.70
CA SER E 164 10.39 18.97 -37.27
C SER E 164 10.67 18.01 -38.42
N SER E 165 11.80 17.32 -38.34
CA SER E 165 12.12 16.32 -39.35
C SER E 165 11.12 15.18 -39.34
N LYS E 166 10.72 14.72 -38.15
CA LYS E 166 9.71 13.68 -38.00
C LYS E 166 8.70 14.13 -36.95
N SER E 167 7.55 13.47 -36.97
CA SER E 167 6.43 13.89 -36.12
C SER E 167 6.81 13.81 -34.64
N LEU E 168 6.51 14.87 -33.91
CA LEU E 168 6.75 14.92 -32.47
C LEU E 168 5.60 14.34 -31.65
N LEU E 169 4.49 14.00 -32.29
CA LEU E 169 3.40 13.32 -31.61
C LEU E 169 3.85 11.92 -31.20
N HIS E 170 3.47 11.52 -29.99
CA HIS E 170 3.82 10.22 -29.45
C HIS E 170 2.56 9.37 -29.30
N SER E 171 2.77 8.06 -29.12
CA SER E 171 1.66 7.13 -28.96
C SER E 171 0.84 7.43 -27.70
N ASN E 172 1.41 8.13 -26.73
CA ASN E 172 0.69 8.50 -25.52
C ASN E 172 -0.06 9.81 -25.67
N GLY E 173 -0.05 10.43 -26.85
CA GLY E 173 -0.78 11.65 -27.09
C GLY E 173 -0.05 12.92 -26.73
N ASN E 174 1.22 12.84 -26.34
CA ASN E 174 2.00 14.00 -25.95
C ASN E 174 2.91 14.39 -27.09
N THR E 175 2.84 15.66 -27.50
CA THR E 175 3.68 16.22 -28.54
C THR E 175 4.77 17.06 -27.87
N TYR E 176 6.00 16.56 -27.89
CA TYR E 176 7.10 17.14 -27.11
C TYR E 176 7.74 18.28 -27.91
N LEU E 177 7.18 19.47 -27.75
CA LEU E 177 7.73 20.68 -28.36
C LEU E 177 7.76 21.78 -27.31
N TYR E 178 8.89 22.47 -27.20
CA TYR E 178 9.10 23.50 -26.20
C TYR E 178 9.52 24.80 -26.89
N TRP E 179 9.00 25.92 -26.41
CA TRP E 179 9.34 27.24 -26.95
C TRP E 179 10.02 28.06 -25.86
N PHE E 180 11.15 28.67 -26.21
CA PHE E 180 11.91 29.51 -25.32
C PHE E 180 12.12 30.88 -25.96
N LEU E 181 12.07 31.93 -25.14
CA LEU E 181 12.35 33.29 -25.59
C LEU E 181 13.62 33.77 -24.91
N GLN E 182 14.61 34.18 -25.71
CA GLN E 182 15.90 34.55 -25.16
C GLN E 182 15.85 35.90 -24.46
N ARG E 183 15.18 36.88 -25.08
CA ARG E 183 15.16 38.25 -24.55
C ARG E 183 16.58 38.78 -24.44
N PRO E 184 17.22 39.13 -25.58
CA PRO E 184 18.67 39.39 -25.60
C PRO E 184 19.20 40.20 -24.44
N GLY E 185 20.35 39.78 -23.90
CA GLY E 185 20.87 40.32 -22.67
C GLY E 185 20.53 39.52 -21.44
N GLN E 186 19.81 38.41 -21.59
CA GLN E 186 19.43 37.56 -20.48
C GLN E 186 19.28 36.12 -20.96
N SER E 187 19.30 35.20 -20.01
CA SER E 187 19.20 33.78 -20.33
C SER E 187 17.80 33.44 -20.85
N PRO E 188 17.70 32.46 -21.73
CA PRO E 188 16.38 32.07 -22.26
C PRO E 188 15.48 31.50 -21.17
N GLN E 189 14.17 31.66 -21.37
CA GLN E 189 13.17 31.19 -20.42
C GLN E 189 12.09 30.43 -21.16
N LEU E 190 11.53 29.44 -20.48
CA LEU E 190 10.45 28.63 -21.06
C LEU E 190 9.20 29.47 -21.26
N LEU E 191 8.55 29.29 -22.41
CA LEU E 191 7.29 29.95 -22.71
C LEU E 191 6.13 28.97 -22.73
N ILE E 192 6.20 27.95 -23.59
CA ILE E 192 5.17 26.93 -23.68
C ILE E 192 5.85 25.57 -23.81
N TYR E 193 5.27 24.56 -23.17
CA TYR E 193 5.82 23.21 -23.18
C TYR E 193 4.76 22.23 -23.65
N ARG E 194 5.22 21.14 -24.28
CA ARG E 194 4.37 20.15 -24.92
C ARG E 194 3.48 20.75 -26.01
N MET E 195 3.88 21.92 -26.52
CA MET E 195 3.33 22.58 -27.70
C MET E 195 1.94 23.18 -27.40
N SER E 196 1.37 22.87 -26.23
CA SER E 196 0.08 23.45 -25.87
C SER E 196 0.14 24.17 -24.54
N ASN E 197 0.77 23.57 -23.54
CA ASN E 197 0.72 24.05 -22.18
C ASN E 197 1.56 25.30 -22.01
N LEU E 198 1.17 26.13 -21.06
CA LEU E 198 1.83 27.41 -20.81
C LEU E 198 2.71 27.32 -19.57
N ALA E 199 3.89 27.92 -19.65
CA ALA E 199 4.80 27.92 -18.51
C ALA E 199 4.24 28.79 -17.38
N SER E 200 4.72 28.52 -16.17
CA SER E 200 4.25 29.24 -15.00
C SER E 200 4.89 30.62 -14.96
N GLY E 201 4.06 31.66 -14.98
CA GLY E 201 4.52 33.03 -14.89
C GLY E 201 4.53 33.80 -16.19
N VAL E 202 4.42 33.12 -17.33
CA VAL E 202 4.40 33.81 -18.62
C VAL E 202 3.00 34.34 -18.87
N PRO E 203 2.85 35.43 -19.63
CA PRO E 203 1.51 35.97 -19.89
C PRO E 203 0.69 35.04 -20.77
N ASP E 204 -0.64 35.22 -20.68
CA ASP E 204 -1.58 34.41 -21.43
C ASP E 204 -1.60 34.75 -22.92
N ARG E 205 -0.92 35.82 -23.34
CA ARG E 205 -0.93 36.20 -24.75
C ARG E 205 -0.26 35.14 -25.62
N PHE E 206 0.82 34.54 -25.13
CA PHE E 206 1.49 33.48 -25.87
C PHE E 206 0.57 32.27 -26.00
N SER E 207 0.57 31.65 -27.17
CA SER E 207 -0.23 30.45 -27.39
C SER E 207 0.44 29.58 -28.44
N GLY E 208 0.75 28.34 -28.08
CA GLY E 208 1.36 27.40 -29.00
C GLY E 208 0.33 26.42 -29.54
N SER E 209 0.53 26.00 -30.78
CA SER E 209 -0.38 25.07 -31.44
C SER E 209 0.36 24.38 -32.58
N GLY E 210 -0.35 23.53 -33.30
CA GLY E 210 0.17 22.88 -34.47
C GLY E 210 0.03 21.38 -34.40
N SER E 211 0.50 20.72 -35.46
CA SER E 211 0.47 19.26 -35.55
C SER E 211 1.86 18.74 -35.88
N GLY E 212 1.97 17.43 -36.09
CA GLY E 212 3.25 16.80 -36.35
C GLY E 212 4.03 17.45 -37.48
N THR E 213 5.30 17.75 -37.22
CA THR E 213 6.23 18.38 -38.15
C THR E 213 5.83 19.79 -38.56
N ALA E 214 4.87 20.41 -37.86
CA ALA E 214 4.50 21.79 -38.19
C ALA E 214 3.86 22.42 -36.95
N PHE E 215 4.63 23.23 -36.24
CA PHE E 215 4.16 23.86 -35.00
C PHE E 215 4.32 25.36 -35.12
N THR E 216 3.51 26.09 -34.35
CA THR E 216 3.50 27.54 -34.40
C THR E 216 3.28 28.11 -33.01
N LEU E 217 3.80 29.31 -32.80
CA LEU E 217 3.59 30.10 -31.59
C LEU E 217 3.04 31.46 -31.98
N THR E 218 1.94 31.86 -31.35
CA THR E 218 1.27 33.11 -31.65
C THR E 218 1.37 34.03 -30.44
N ILE E 219 1.79 35.27 -30.68
CA ILE E 219 1.89 36.30 -29.66
C ILE E 219 0.89 37.40 -30.03
N SER E 220 -0.05 37.68 -29.13
CA SER E 220 -1.08 38.68 -29.34
C SER E 220 -0.81 39.89 -28.47
N ARG E 221 -0.86 41.07 -29.07
CA ARG E 221 -0.66 42.34 -28.36
C ARG E 221 0.71 42.36 -27.67
N LEU E 222 1.76 42.31 -28.50
CA LEU E 222 3.12 42.35 -27.99
C LEU E 222 3.35 43.62 -27.18
N GLU E 223 4.01 43.47 -26.04
CA GLU E 223 4.32 44.56 -25.13
C GLU E 223 5.84 44.68 -24.99
N ALA E 224 6.27 45.51 -24.04
CA ALA E 224 7.68 45.63 -23.75
C ALA E 224 8.24 44.33 -23.19
N GLU E 225 9.54 44.14 -23.37
CA GLU E 225 10.24 42.93 -22.94
C GLU E 225 9.64 41.68 -23.59
N ASP E 226 9.30 41.80 -24.87
CA ASP E 226 8.80 40.68 -25.66
C ASP E 226 9.69 40.35 -26.84
N VAL E 227 10.33 41.36 -27.45
CA VAL E 227 11.20 41.11 -28.59
C VAL E 227 12.39 40.23 -28.17
N GLY E 228 12.79 39.36 -29.06
CA GLY E 228 13.87 38.45 -28.78
C GLY E 228 13.89 37.31 -29.77
N VAL E 229 14.73 36.32 -29.47
CA VAL E 229 14.92 35.14 -30.31
C VAL E 229 14.10 34.01 -29.72
N TYR E 230 13.28 33.37 -30.56
CA TYR E 230 12.41 32.29 -30.13
C TYR E 230 12.96 30.97 -30.66
N TYR E 231 13.25 30.05 -29.75
CA TYR E 231 13.79 28.74 -30.09
C TYR E 231 12.73 27.67 -29.81
N CYS E 232 12.48 26.81 -30.79
CA CYS E 232 11.63 25.65 -30.60
C CYS E 232 12.50 24.41 -30.59
N MET E 233 12.35 23.60 -29.54
CA MET E 233 13.16 22.41 -29.37
C MET E 233 12.26 21.21 -29.12
N GLN E 234 12.82 20.03 -29.37
CA GLN E 234 12.10 18.77 -29.24
C GLN E 234 12.64 17.99 -28.05
N HIS E 235 11.74 17.29 -27.35
CA HIS E 235 12.10 16.40 -26.27
C HIS E 235 11.68 14.96 -26.56
N LEU E 236 11.40 14.65 -27.83
CA LEU E 236 11.03 13.28 -28.19
C LEU E 236 12.22 12.34 -28.07
N GLU E 237 13.38 12.77 -28.58
CA GLU E 237 14.61 11.99 -28.48
C GLU E 237 15.69 12.86 -27.87
N TYR E 238 16.55 12.24 -27.08
CA TYR E 238 17.46 12.94 -26.18
C TYR E 238 18.55 13.79 -26.82
N PRO E 239 18.95 13.59 -28.09
CA PRO E 239 19.82 14.59 -28.73
C PRO E 239 19.29 16.01 -28.61
N LEU E 240 17.99 16.18 -28.38
CA LEU E 240 17.37 17.47 -28.03
C LEU E 240 17.80 18.58 -29.00
N THR E 241 17.40 18.43 -30.26
CA THR E 241 17.70 19.44 -31.26
C THR E 241 16.92 20.73 -30.98
N PHE E 242 17.60 21.86 -31.12
CA PHE E 242 16.97 23.17 -31.00
C PHE E 242 16.72 23.78 -32.37
N GLY E 243 15.83 24.76 -32.40
CA GLY E 243 15.58 25.50 -33.62
C GLY E 243 16.65 26.52 -33.90
N ALA E 244 16.62 27.07 -35.12
CA ALA E 244 17.61 28.06 -35.51
C ALA E 244 17.38 29.39 -34.78
N GLY E 245 16.16 29.67 -34.39
CA GLY E 245 15.84 30.92 -33.72
C GLY E 245 15.11 31.87 -34.64
N THR E 246 14.30 32.75 -34.04
CA THR E 246 13.51 33.73 -34.78
C THR E 246 13.56 35.04 -34.00
N LYS E 247 14.34 35.99 -34.49
CA LYS E 247 14.49 37.27 -33.81
C LYS E 247 13.29 38.17 -34.08
N LEU E 248 12.88 38.92 -33.07
CA LEU E 248 11.82 39.90 -33.19
C LEU E 248 12.39 41.28 -32.93
N GLU E 249 12.06 42.23 -33.80
CA GLU E 249 12.61 43.58 -33.71
C GLU E 249 11.48 44.60 -33.90
N LEU E 250 11.71 45.80 -33.37
CA LEU E 250 10.74 46.88 -33.47
C LEU E 250 10.56 47.32 -34.92
C1 JW0 F . 21.07 -47.34 -10.65
C2 JW0 F . 22.28 -47.79 -11.47
C3 JW0 F . 23.59 -47.46 -10.72
O3 JW0 F . 25.83 -36.95 -4.26
C4 JW0 F . 23.69 -46.01 -10.17
C5 JW0 F . 22.45 -45.61 -9.42
O5 JW0 F . 19.74 -47.46 -13.28
C6 JW0 F . 21.26 -45.81 -10.26
C10 JW0 F . 22.48 -44.09 -8.93
C11 JW0 F . 23.55 -42.00 -8.94
C12 JW0 F . 23.45 -41.84 -7.44
C13 JW0 F . 22.26 -42.63 -6.90
C14 JW0 F . 22.28 -44.06 -7.49
C15 JW0 F . 24.76 -41.08 -9.23
C16 JW0 F . 24.52 -39.92 -8.13
C17 JW0 F . 23.34 -40.39 -7.27
C18 JW0 F . 23.56 -40.03 -5.79
C19 JW0 F . 24.69 -39.04 -5.61
C20 JW0 F . 25.44 -39.32 -4.29
C21 JW0 F . 22.28 -39.41 -5.26
C22 JW0 F . 24.80 -42.33 -6.89
C23 JW0 F . 22.31 -46.49 -8.17
C24 JW0 F . 26.03 -38.04 -3.71
C7 JW0 F . 23.96 -44.99 -11.28
C8 JW0 F . 24.05 -43.60 -10.78
C9 JW0 F . 23.78 -43.45 -9.26
O1 JW0 F . 21.14 -42.00 -7.27
O2 JW0 F . 26.72 -38.09 -2.66
O4 JW0 F . 22.31 -47.13 -12.70
O6 JW0 F . 21.26 -46.61 -15.01
O7 JW0 F . 20.61 -45.15 -13.14
P1 JW0 F . 20.94 -46.58 -13.54
#